data_8ZLL
#
_entry.id   8ZLL
#
loop_
_entity.id
_entity.type
_entity.pdbx_description
1 polymer 'Proton-activated chloride channel'
2 non-polymer CHOLESTEROL
#
_entity_poly.entity_id   1
_entity_poly.type   'polypeptide(L)'
_entity_poly.pdbx_seq_one_letter_code
;MDYKDDDDKWSHPQFEKGGGGSGGSAWSHPQFEKEFKGLVDMIRQERSTSYQELSEELVQVVENSELADEQDKETVRVQG
PGILPGLDSESASSSIRFSKACLKNVFSVLLIFIYLLLMAVAVFLVYRTITDFREKLKHPVMSVSYKEVDRYDAPGIALY
PGQAQLLSCKHHYEVIPPLTSPGQPGDMNCTTQRINYTDPFSNQTVKSALIVQGPREVKKRELVFLQFRLNKSSEDFSAI
DYLLFSSFQEFLQSPNRVGFMQACESAYSSWKFSGGFRTWVKMSLVKTKEEDGREAVEFRQETSVVNYIDQRPAAKKSAQ
LFFVVFEWKDPFIQKVQDIVTANPWNTIALLCGAFLALFKAAEFAKLSIKWMIKIRKRYLKRRGQATSHIS
;
_entity_poly.pdbx_strand_id   A,B,C
#
# COMPACT_ATOMS: atom_id res chain seq x y z
N CYS A 102 64.43 -0.43 -23.47
CA CYS A 102 63.65 -0.56 -24.70
C CYS A 102 62.47 -1.50 -24.48
N LEU A 103 62.50 -2.68 -25.12
CA LEU A 103 61.40 -3.62 -24.97
C LEU A 103 61.26 -4.08 -23.53
N LYS A 104 62.38 -4.34 -22.85
CA LYS A 104 62.32 -4.74 -21.45
C LYS A 104 61.69 -3.65 -20.61
N ASN A 105 62.12 -2.40 -20.80
CA ASN A 105 61.55 -1.29 -20.05
C ASN A 105 60.07 -1.09 -20.39
N VAL A 106 59.71 -1.25 -21.66
CA VAL A 106 58.32 -1.11 -22.06
C VAL A 106 57.46 -2.15 -21.36
N PHE A 107 57.92 -3.40 -21.33
CA PHE A 107 57.16 -4.44 -20.65
C PHE A 107 57.08 -4.17 -19.16
N SER A 108 58.17 -3.72 -18.55
CA SER A 108 58.17 -3.45 -17.11
C SER A 108 57.19 -2.35 -16.77
N VAL A 109 57.20 -1.25 -17.53
CA VAL A 109 56.29 -0.14 -17.25
C VAL A 109 54.85 -0.54 -17.55
N LEU A 110 54.64 -1.36 -18.59
CA LEU A 110 53.29 -1.83 -18.87
C LEU A 110 52.76 -2.70 -17.74
N LEU A 111 53.62 -3.52 -17.14
CA LEU A 111 53.14 -4.39 -16.07
C LEU A 111 52.97 -3.65 -14.74
N ILE A 112 53.82 -2.67 -14.45
CA ILE A 112 53.52 -1.83 -13.29
C ILE A 112 52.24 -1.05 -13.55
N PHE A 113 51.98 -0.71 -14.82
CA PHE A 113 50.71 -0.08 -15.16
C PHE A 113 49.53 -1.01 -14.93
N ILE A 114 49.67 -2.31 -15.25
CA ILE A 114 48.54 -3.21 -15.03
C ILE A 114 48.36 -3.48 -13.54
N TYR A 115 49.44 -3.48 -12.76
CA TYR A 115 49.29 -3.55 -11.30
C TYR A 115 48.55 -2.33 -10.78
N LEU A 116 48.91 -1.15 -11.27
CA LEU A 116 48.17 0.06 -10.90
C LEU A 116 46.73 -0.02 -11.38
N LEU A 117 46.48 -0.71 -12.49
CA LEU A 117 45.12 -0.90 -12.97
C LEU A 117 44.33 -1.78 -12.01
N LEU A 118 44.95 -2.83 -11.49
CA LEU A 118 44.30 -3.65 -10.46
C LEU A 118 44.01 -2.81 -9.23
N MET A 119 44.96 -1.99 -8.81
CA MET A 119 44.73 -1.12 -7.64
C MET A 119 43.60 -0.15 -7.91
N ALA A 120 43.54 0.41 -9.12
CA ALA A 120 42.47 1.34 -9.47
C ALA A 120 41.13 0.64 -9.52
N VAL A 121 41.09 -0.60 -9.99
CA VAL A 121 39.86 -1.38 -9.98
C VAL A 121 39.41 -1.61 -8.54
N ALA A 122 40.36 -1.93 -7.66
CA ALA A 122 40.02 -2.09 -6.25
C ALA A 122 39.46 -0.80 -5.67
N VAL A 123 40.08 0.33 -5.99
CA VAL A 123 39.60 1.62 -5.46
C VAL A 123 38.22 1.94 -6.01
N PHE A 124 37.98 1.68 -7.28
CA PHE A 124 36.67 1.92 -7.86
C PHE A 124 35.62 1.03 -7.22
N LEU A 125 35.97 -0.24 -6.98
CA LEU A 125 35.04 -1.13 -6.29
C LEU A 125 34.73 -0.64 -4.89
N VAL A 126 35.75 -0.15 -4.18
CA VAL A 126 35.53 0.38 -2.83
C VAL A 126 34.62 1.60 -2.87
N TYR A 127 34.86 2.50 -3.83
CA TYR A 127 34.02 3.70 -3.95
C TYR A 127 32.58 3.33 -4.27
N ARG A 128 32.41 2.39 -5.20
CA ARG A 128 31.05 1.94 -5.54
C ARG A 128 30.39 1.28 -4.34
N THR A 129 31.16 0.53 -3.55
CA THR A 129 30.62 -0.07 -2.34
C THR A 129 30.18 0.99 -1.35
N ILE A 130 30.99 2.04 -1.17
CA ILE A 130 30.59 3.14 -0.29
C ILE A 130 29.28 3.76 -0.76
N THR A 131 29.20 4.07 -2.06
CA THR A 131 28.00 4.72 -2.58
C THR A 131 26.78 3.82 -2.43
N ASP A 132 26.93 2.52 -2.74
CA ASP A 132 25.81 1.60 -2.63
C ASP A 132 25.37 1.44 -1.19
N PHE A 133 26.32 1.35 -0.26
CA PHE A 133 25.98 1.22 1.14
C PHE A 133 25.23 2.45 1.63
N ARG A 134 25.70 3.64 1.24
CA ARG A 134 25.01 4.86 1.64
C ARG A 134 23.60 4.91 1.06
N GLU A 135 23.45 4.57 -0.22
CA GLU A 135 22.12 4.59 -0.83
C GLU A 135 21.18 3.58 -0.15
N LYS A 136 21.70 2.39 0.14
CA LYS A 136 20.87 1.37 0.80
C LYS A 136 20.47 1.83 2.20
N LEU A 137 21.39 2.45 2.93
CA LEU A 137 21.04 2.99 4.24
C LEU A 137 19.95 4.04 4.12
N LYS A 138 20.04 4.90 3.10
CA LYS A 138 19.03 5.93 2.93
C LYS A 138 17.65 5.34 2.64
N HIS A 139 17.60 4.19 1.96
CA HIS A 139 16.35 3.61 1.45
C HIS A 139 16.21 2.17 1.91
N PRO A 140 15.82 1.94 3.16
CA PRO A 140 15.44 0.59 3.58
C PRO A 140 14.17 0.14 2.86
N VAL A 141 14.08 -1.16 2.62
CA VAL A 141 13.00 -1.74 1.82
C VAL A 141 11.95 -2.30 2.76
N MET A 142 10.68 -2.03 2.44
CA MET A 142 9.57 -2.45 3.29
C MET A 142 9.02 -3.84 3.02
N SER A 143 8.70 -4.56 4.09
CA SER A 143 8.13 -5.90 4.01
C SER A 143 6.81 -5.93 4.75
N VAL A 144 5.83 -6.63 4.18
CA VAL A 144 4.48 -6.73 4.73
C VAL A 144 4.15 -8.21 4.93
N SER A 145 3.67 -8.55 6.12
CA SER A 145 3.23 -9.90 6.44
C SER A 145 1.88 -9.83 7.13
N TYR A 146 0.96 -10.70 6.74
CA TYR A 146 -0.39 -10.73 7.29
C TYR A 146 -0.48 -11.84 8.32
N LYS A 147 -0.67 -11.45 9.58
CA LYS A 147 -0.74 -12.39 10.69
C LYS A 147 -2.20 -12.57 11.09
N GLU A 148 -2.70 -13.81 11.02
CA GLU A 148 -4.10 -14.07 11.34
C GLU A 148 -4.28 -14.22 12.83
N VAL A 149 -5.38 -13.64 13.34
CA VAL A 149 -5.71 -13.68 14.76
C VAL A 149 -7.11 -14.24 14.91
N ASP A 150 -7.27 -15.23 15.78
CA ASP A 150 -8.59 -15.86 15.95
C ASP A 150 -9.62 -14.86 16.44
N ARG A 151 -9.25 -14.03 17.41
CA ARG A 151 -10.13 -12.98 17.90
C ARG A 151 -9.30 -11.75 18.24
N TYR A 152 -9.81 -10.58 17.86
CA TYR A 152 -9.10 -9.33 18.11
C TYR A 152 -9.27 -8.90 19.56
N ASP A 153 -8.30 -8.13 20.03
CA ASP A 153 -8.44 -7.45 21.32
C ASP A 153 -9.50 -6.37 21.21
N ALA A 154 -10.44 -6.36 22.15
CA ALA A 154 -11.58 -5.45 22.08
C ALA A 154 -11.10 -4.03 21.85
N PRO A 155 -11.32 -3.45 20.68
CA PRO A 155 -10.87 -2.08 20.43
C PRO A 155 -11.71 -1.08 21.21
N GLY A 156 -11.12 0.09 21.44
CA GLY A 156 -11.82 1.18 22.08
C GLY A 156 -12.26 2.19 21.04
N ILE A 157 -13.56 2.44 21.00
CA ILE A 157 -14.16 3.40 20.07
C ILE A 157 -14.55 4.62 20.91
N ALA A 158 -13.74 5.67 20.83
CA ALA A 158 -14.02 6.92 21.53
C ALA A 158 -14.90 7.75 20.61
N LEU A 159 -16.18 7.88 20.98
CA LEU A 159 -17.12 8.69 20.24
C LEU A 159 -17.26 10.05 20.90
N TYR A 160 -17.65 11.04 20.12
CA TYR A 160 -17.85 12.41 20.60
C TYR A 160 -19.24 12.87 20.20
N PRO A 161 -20.28 12.35 20.86
CA PRO A 161 -21.64 12.72 20.47
C PRO A 161 -21.93 14.20 20.61
N GLY A 162 -21.33 14.88 21.57
CA GLY A 162 -21.72 16.23 21.88
C GLY A 162 -23.08 16.26 22.54
N GLN A 163 -24.08 16.79 21.84
CA GLN A 163 -25.45 16.78 22.33
C GLN A 163 -26.23 15.56 21.88
N ALA A 164 -25.66 14.73 21.00
CA ALA A 164 -26.35 13.54 20.54
C ALA A 164 -26.53 12.56 21.69
N GLN A 165 -27.73 11.99 21.80
CA GLN A 165 -28.07 11.05 22.86
C GLN A 165 -27.96 9.64 22.30
N LEU A 166 -27.13 8.82 22.93
CA LEU A 166 -26.95 7.43 22.52
C LEU A 166 -28.24 6.68 22.81
N LEU A 167 -29.04 6.44 21.77
CA LEU A 167 -30.28 5.69 21.98
C LEU A 167 -30.00 4.25 22.37
N SER A 168 -29.02 3.62 21.74
CA SER A 168 -28.78 2.21 22.03
C SER A 168 -27.42 1.78 21.52
N CYS A 169 -26.86 0.73 22.06
CA CYS A 169 -25.61 0.09 21.63
C CYS A 169 -25.89 -1.41 21.74
N LYS A 170 -25.49 -2.25 20.80
CA LYS A 170 -25.70 -3.70 20.80
C LYS A 170 -24.50 -4.39 20.18
N HIS A 171 -24.23 -5.61 20.64
CA HIS A 171 -23.27 -6.50 20.01
C HIS A 171 -24.04 -7.57 19.26
N HIS A 172 -23.87 -7.61 17.94
CA HIS A 172 -24.57 -8.56 17.08
C HIS A 172 -23.56 -9.50 16.46
N TYR A 173 -23.71 -10.80 16.75
CA TYR A 173 -22.84 -11.80 16.14
C TYR A 173 -23.23 -12.12 14.72
N GLU A 174 -24.47 -11.82 14.32
CA GLU A 174 -24.90 -12.11 12.97
C GLU A 174 -24.22 -11.16 11.98
N VAL A 175 -24.28 -11.52 10.71
CA VAL A 175 -23.70 -10.69 9.67
C VAL A 175 -24.43 -9.36 9.55
N ILE A 176 -25.66 -9.27 10.05
CA ILE A 176 -26.44 -8.03 9.97
C ILE A 176 -27.13 -7.78 11.30
N PRO A 177 -27.34 -6.51 11.65
CA PRO A 177 -28.19 -6.20 12.79
C PRO A 177 -29.64 -6.53 12.48
N PRO A 178 -30.44 -6.84 13.49
CA PRO A 178 -31.86 -7.11 13.28
C PRO A 178 -32.63 -5.80 13.12
N LEU A 179 -33.94 -5.92 12.98
CA LEU A 179 -34.79 -4.75 12.84
C LEU A 179 -34.77 -3.92 14.12
N THR A 180 -34.91 -2.60 13.96
CA THR A 180 -34.79 -1.65 15.06
C THR A 180 -36.10 -0.90 15.25
N SER A 181 -36.12 -0.02 16.24
CA SER A 181 -37.24 0.88 16.52
C SER A 181 -36.67 2.29 16.62
N PRO A 182 -36.40 2.93 15.49
CA PRO A 182 -35.59 4.15 15.50
C PRO A 182 -36.33 5.33 16.14
N GLY A 183 -35.53 6.25 16.67
CA GLY A 183 -36.05 7.48 17.25
C GLY A 183 -36.38 7.40 18.72
N GLN A 184 -36.28 6.23 19.34
CA GLN A 184 -36.63 6.06 20.74
C GLN A 184 -35.51 5.31 21.46
N PRO A 185 -35.37 5.52 22.77
CA PRO A 185 -34.34 4.78 23.51
C PRO A 185 -34.57 3.29 23.44
N GLY A 186 -33.47 2.53 23.37
CA GLY A 186 -33.54 1.09 23.30
C GLY A 186 -32.62 0.41 24.29
N ASP A 187 -32.62 -0.91 24.30
CA ASP A 187 -31.77 -1.65 25.23
C ASP A 187 -30.30 -1.38 24.90
N MET A 188 -29.49 -1.24 25.94
CA MET A 188 -28.06 -0.98 25.80
C MET A 188 -27.32 -2.23 26.29
N ASN A 189 -26.42 -2.76 25.50
CA ASN A 189 -25.74 -4.00 25.87
C ASN A 189 -24.32 -3.85 25.43
N CYS A 190 -23.66 -2.74 25.68
CA CYS A 190 -22.21 -2.60 25.41
C CYS A 190 -21.56 -2.03 26.65
N THR A 191 -20.25 -1.97 26.75
CA THR A 191 -19.49 -1.45 27.90
C THR A 191 -19.04 -0.04 27.58
N THR A 192 -19.56 0.99 28.26
CA THR A 192 -19.22 2.35 27.90
C THR A 192 -18.59 3.07 29.09
N GLN A 193 -17.69 3.99 28.79
CA GLN A 193 -17.00 4.78 29.81
C GLN A 193 -16.91 6.22 29.32
N ARG A 194 -17.43 7.15 30.12
CA ARG A 194 -17.46 8.57 29.74
C ARG A 194 -16.30 9.29 30.42
N ILE A 195 -15.49 9.98 29.61
CA ILE A 195 -14.29 10.65 30.11
C ILE A 195 -14.21 12.05 29.49
N ASN A 196 -13.93 13.08 30.25
CA ASN A 196 -13.75 14.45 29.72
C ASN A 196 -12.28 14.81 29.85
N TYR A 197 -11.51 14.76 28.79
CA TYR A 197 -10.10 15.13 28.75
C TYR A 197 -9.95 16.43 28.00
N THR A 198 -8.78 17.06 27.96
CA THR A 198 -8.53 18.32 27.22
C THR A 198 -7.59 17.98 26.09
N ASP A 199 -7.98 18.13 24.86
CA ASP A 199 -7.14 17.74 23.73
C ASP A 199 -5.89 18.60 23.70
N PRO A 200 -4.70 18.01 23.57
CA PRO A 200 -3.47 18.82 23.64
C PRO A 200 -3.38 19.88 22.56
N PHE A 201 -4.07 19.70 21.44
CA PHE A 201 -3.99 20.66 20.34
C PHE A 201 -4.87 21.89 20.56
N SER A 202 -5.82 21.86 21.48
CA SER A 202 -6.59 23.07 21.85
C SER A 202 -6.07 23.52 23.21
N ASN A 203 -5.91 22.59 24.15
CA ASN A 203 -5.36 22.86 25.50
C ASN A 203 -6.33 23.74 26.28
N GLN A 204 -7.39 24.24 25.66
CA GLN A 204 -8.34 25.18 26.33
C GLN A 204 -9.71 24.53 26.29
N THR A 205 -10.11 24.06 25.12
CA THR A 205 -11.37 23.33 24.96
C THR A 205 -11.26 21.93 25.53
N VAL A 206 -12.26 21.53 26.31
CA VAL A 206 -12.33 20.20 26.92
C VAL A 206 -13.43 19.42 26.22
N LYS A 207 -13.08 18.22 25.74
CA LYS A 207 -13.99 17.38 25.01
C LYS A 207 -14.38 16.17 25.84
N SER A 208 -15.66 15.80 25.77
CA SER A 208 -16.18 14.62 26.43
C SER A 208 -16.28 13.48 25.43
N ALA A 209 -15.74 12.32 25.81
CA ALA A 209 -15.71 11.15 24.96
C ALA A 209 -16.45 10.00 25.62
N LEU A 210 -17.10 9.20 24.79
CA LEU A 210 -17.78 7.98 25.21
C LEU A 210 -16.99 6.82 24.60
N ILE A 211 -16.22 6.13 25.42
CA ILE A 211 -15.42 5.01 24.97
C ILE A 211 -16.29 3.76 25.04
N VAL A 212 -16.43 3.09 23.90
CA VAL A 212 -17.23 1.87 23.78
C VAL A 212 -16.28 0.72 23.47
N GLN A 213 -16.54 -0.43 24.10
CA GLN A 213 -15.78 -1.63 23.81
C GLN A 213 -16.22 -2.20 22.47
N GLY A 214 -15.29 -2.29 21.53
CA GLY A 214 -15.61 -2.74 20.19
C GLY A 214 -15.71 -4.25 20.11
N PRO A 215 -16.03 -4.73 18.92
CA PRO A 215 -16.16 -6.18 18.71
C PRO A 215 -14.83 -6.88 18.85
N ARG A 216 -14.88 -8.12 19.33
CA ARG A 216 -13.70 -8.96 19.52
C ARG A 216 -13.60 -10.07 18.48
N GLU A 217 -14.63 -10.87 18.34
CA GLU A 217 -14.57 -12.11 17.54
C GLU A 217 -14.90 -11.78 16.10
N VAL A 218 -13.86 -11.51 15.32
CA VAL A 218 -14.04 -11.28 13.89
C VAL A 218 -14.51 -12.54 13.19
N LYS A 219 -14.02 -13.71 13.65
CA LYS A 219 -14.35 -14.96 12.99
C LYS A 219 -15.86 -15.23 13.01
N LYS A 220 -16.55 -14.75 14.04
CA LYS A 220 -18.00 -14.86 14.11
C LYS A 220 -18.69 -13.69 13.42
N ARG A 221 -17.93 -12.79 12.80
CA ARG A 221 -18.49 -11.59 12.18
C ARG A 221 -19.26 -10.75 13.20
N GLU A 222 -18.71 -10.68 14.41
CA GLU A 222 -19.30 -9.85 15.45
C GLU A 222 -19.15 -8.37 15.09
N LEU A 223 -20.18 -7.59 15.41
CA LEU A 223 -20.16 -6.16 15.14
C LEU A 223 -20.86 -5.45 16.29
N VAL A 224 -20.58 -4.15 16.40
CA VAL A 224 -21.20 -3.29 17.41
C VAL A 224 -22.04 -2.26 16.66
N PHE A 225 -23.33 -2.23 16.95
CA PHE A 225 -24.28 -1.34 16.31
C PHE A 225 -24.70 -0.28 17.32
N LEU A 226 -24.49 0.99 16.98
CA LEU A 226 -24.80 2.10 17.84
C LEU A 226 -25.82 3.02 17.17
N GLN A 227 -26.77 3.51 17.97
CA GLN A 227 -27.79 4.45 17.51
C GLN A 227 -27.81 5.64 18.45
N PHE A 228 -27.64 6.83 17.87
CA PHE A 228 -27.70 8.10 18.60
C PHE A 228 -28.84 8.93 18.04
N ARG A 229 -29.37 9.83 18.87
CA ARG A 229 -30.40 10.77 18.46
C ARG A 229 -29.99 12.17 18.89
N LEU A 230 -30.00 13.10 17.94
CA LEU A 230 -29.71 14.50 18.20
C LEU A 230 -30.98 15.31 17.97
N ASN A 231 -31.38 16.09 18.98
CA ASN A 231 -32.57 16.91 18.88
C ASN A 231 -32.37 17.98 17.80
N LYS A 232 -33.42 18.75 17.56
CA LYS A 232 -33.37 19.77 16.52
C LYS A 232 -32.19 20.71 16.76
N SER A 233 -31.41 20.96 15.72
CA SER A 233 -30.23 21.79 15.80
C SER A 233 -30.22 22.74 14.62
N SER A 234 -29.15 23.52 14.50
CA SER A 234 -29.00 24.52 13.44
C SER A 234 -27.59 24.50 12.89
N GLU A 235 -27.04 23.31 12.65
CA GLU A 235 -25.68 23.17 12.13
C GLU A 235 -25.63 22.93 10.63
N ASP A 236 -26.67 22.31 10.06
CA ASP A 236 -26.76 22.03 8.64
C ASP A 236 -25.84 20.89 8.21
N PHE A 237 -24.96 20.45 9.10
CA PHE A 237 -24.08 19.31 8.83
C PHE A 237 -23.84 18.61 10.16
N SER A 238 -24.67 17.60 10.44
CA SER A 238 -24.62 16.88 11.70
C SER A 238 -23.79 15.62 11.52
N ALA A 239 -22.72 15.52 12.31
CA ALA A 239 -21.85 14.36 12.26
C ALA A 239 -21.23 14.17 13.63
N ILE A 240 -20.80 12.95 13.92
CA ILE A 240 -20.20 12.59 15.20
C ILE A 240 -18.80 12.05 14.93
N ASP A 241 -17.83 12.59 15.66
CA ASP A 241 -16.45 12.15 15.57
C ASP A 241 -16.25 10.83 16.31
N TYR A 242 -15.39 9.97 15.76
CA TYR A 242 -15.01 8.74 16.41
C TYR A 242 -13.54 8.46 16.16
N LEU A 243 -12.90 7.91 17.18
CA LEU A 243 -11.47 7.59 17.16
C LEU A 243 -11.29 6.16 17.67
N LEU A 244 -10.53 5.36 16.93
CA LEU A 244 -10.32 3.96 17.28
C LEU A 244 -8.93 3.78 17.87
N PHE A 245 -8.85 3.10 19.01
CA PHE A 245 -7.56 2.72 19.57
C PHE A 245 -7.56 1.25 19.93
N SER A 246 -6.34 0.72 20.10
CA SER A 246 -6.12 -0.72 20.00
C SER A 246 -6.95 -1.50 21.01
N SER A 247 -6.89 -1.13 22.28
CA SER A 247 -7.49 -1.93 23.35
C SER A 247 -8.31 -1.04 24.26
N PHE A 248 -9.55 -1.46 24.53
CA PHE A 248 -10.39 -0.79 25.52
C PHE A 248 -9.96 -1.15 26.93
N GLN A 249 -9.52 -2.39 27.16
CA GLN A 249 -9.07 -2.77 28.48
C GLN A 249 -7.82 -2.00 28.89
N GLU A 250 -6.89 -1.79 27.96
CA GLU A 250 -5.74 -0.95 28.26
C GLU A 250 -6.19 0.42 28.74
N PHE A 251 -7.24 0.98 28.13
CA PHE A 251 -7.77 2.25 28.59
C PHE A 251 -8.36 2.12 30.00
N LEU A 252 -9.10 1.04 30.26
CA LEU A 252 -9.73 0.88 31.57
C LEU A 252 -8.69 0.81 32.68
N GLN A 253 -7.65 -0.01 32.51
CA GLN A 253 -6.69 -0.28 33.56
C GLN A 253 -5.42 0.54 33.37
N SER A 254 -5.57 1.77 32.88
CA SER A 254 -4.44 2.68 32.72
C SER A 254 -4.66 3.91 33.59
N PRO A 255 -3.79 4.20 34.56
CA PRO A 255 -3.93 5.46 35.31
C PRO A 255 -4.02 6.66 34.39
N ASN A 256 -4.40 7.81 34.95
CA ASN A 256 -4.57 9.07 34.21
C ASN A 256 -5.16 8.82 32.82
N ARG A 257 -6.34 8.21 32.83
CA ARG A 257 -7.06 7.97 31.58
C ARG A 257 -7.05 9.20 30.68
N VAL A 258 -7.02 10.39 31.28
CA VAL A 258 -6.90 11.62 30.50
C VAL A 258 -5.62 11.58 29.66
N GLY A 259 -4.52 11.14 30.27
CA GLY A 259 -3.28 11.01 29.52
C GLY A 259 -3.39 10.01 28.40
N PHE A 260 -4.05 8.87 28.65
CA PHE A 260 -4.23 7.87 27.61
C PHE A 260 -5.01 8.43 26.44
N MET A 261 -6.10 9.16 26.72
CA MET A 261 -6.90 9.73 25.64
C MET A 261 -6.14 10.82 24.90
N GLN A 262 -5.36 11.62 25.61
CA GLN A 262 -4.58 12.66 24.95
C GLN A 262 -3.50 12.05 24.06
N ALA A 263 -3.10 10.84 24.34
CA ALA A 263 -2.14 10.14 23.50
C ALA A 263 -2.81 9.63 22.24
N CYS A 264 -4.08 9.28 22.31
CA CYS A 264 -4.88 8.73 21.19
C CYS A 264 -5.28 9.84 20.26
N GLU A 265 -5.59 11.00 20.75
CA GLU A 265 -5.95 12.14 19.91
C GLU A 265 -4.77 12.44 19.02
N SER A 266 -3.63 11.82 19.24
CA SER A 266 -2.40 12.04 18.43
C SER A 266 -1.96 10.78 17.69
N ALA A 267 -1.81 9.65 18.38
CA ALA A 267 -1.34 8.41 17.77
C ALA A 267 -2.39 7.74 16.90
N TYR A 268 -3.62 8.27 16.86
CA TYR A 268 -4.71 7.66 16.12
C TYR A 268 -5.46 8.73 15.34
N SER A 269 -5.99 8.32 14.19
CA SER A 269 -6.82 9.20 13.38
C SER A 269 -8.25 9.24 13.92
N SER A 270 -8.94 10.33 13.62
CA SER A 270 -10.33 10.53 14.04
C SER A 270 -11.18 10.83 12.81
N TRP A 271 -12.20 10.01 12.60
CA TRP A 271 -13.10 10.15 11.46
C TRP A 271 -14.47 10.63 11.95
N LYS A 272 -15.41 10.71 11.00
CA LYS A 272 -16.76 11.17 11.29
C LYS A 272 -17.77 10.20 10.70
N PHE A 273 -18.93 10.11 11.35
CA PHE A 273 -20.08 9.45 10.74
C PHE A 273 -21.29 10.37 10.84
N SER A 274 -22.07 10.42 9.77
CA SER A 274 -23.12 11.40 9.58
C SER A 274 -24.47 10.87 10.01
N GLY A 275 -25.40 11.80 10.24
CA GLY A 275 -26.78 11.43 10.49
C GLY A 275 -27.53 11.15 9.21
N GLY A 276 -28.59 10.37 9.34
CA GLY A 276 -29.35 9.94 8.19
C GLY A 276 -28.75 8.79 7.42
N PHE A 277 -27.61 8.26 7.86
CA PHE A 277 -26.96 7.11 7.27
C PHE A 277 -26.91 5.97 8.28
N ARG A 278 -26.40 4.83 7.83
CA ARG A 278 -25.92 3.76 8.70
C ARG A 278 -24.47 3.54 8.29
N THR A 279 -23.57 4.30 8.90
CA THR A 279 -22.16 4.21 8.58
C THR A 279 -21.62 2.86 9.04
N TRP A 280 -21.33 1.98 8.09
CA TRP A 280 -20.74 0.68 8.36
C TRP A 280 -19.23 0.83 8.23
N VAL A 281 -18.53 0.66 9.34
CA VAL A 281 -17.08 0.87 9.41
C VAL A 281 -16.44 -0.50 9.56
N LYS A 282 -15.71 -0.93 8.53
CA LYS A 282 -14.93 -2.16 8.56
C LYS A 282 -13.49 -1.78 8.84
N MET A 283 -12.98 -2.16 10.01
CA MET A 283 -11.71 -1.68 10.50
C MET A 283 -10.68 -2.80 10.56
N SER A 284 -9.43 -2.42 10.33
CA SER A 284 -8.29 -3.33 10.32
C SER A 284 -7.08 -2.74 11.01
N LEU A 285 -6.20 -3.62 11.48
CA LEU A 285 -5.04 -3.22 12.27
C LEU A 285 -3.78 -3.31 11.41
N VAL A 286 -3.01 -2.23 11.40
CA VAL A 286 -1.70 -2.19 10.74
C VAL A 286 -0.67 -1.86 11.81
N LYS A 287 0.25 -2.79 12.05
CA LYS A 287 1.30 -2.61 13.05
C LYS A 287 2.60 -2.37 12.30
N THR A 288 3.17 -1.18 12.49
CA THR A 288 4.43 -0.80 11.84
C THR A 288 5.56 -0.91 12.87
N LYS A 289 6.59 -1.65 12.51
CA LYS A 289 7.75 -1.84 13.38
C LYS A 289 8.89 -0.96 12.87
N GLU A 290 9.37 -0.06 13.74
CA GLU A 290 10.46 0.83 13.41
C GLU A 290 11.76 0.34 14.04
N GLU A 291 12.87 0.94 13.61
CA GLU A 291 14.18 0.52 14.11
C GLU A 291 14.29 0.73 15.61
N ASP A 292 13.79 1.86 16.11
CA ASP A 292 13.96 2.22 17.53
C ASP A 292 12.85 1.58 18.36
N GLY A 293 12.89 0.25 18.43
CA GLY A 293 12.07 -0.48 19.37
C GLY A 293 10.59 -0.56 19.06
N ARG A 294 9.80 0.20 19.82
CA ARG A 294 8.35 0.03 19.89
C ARG A 294 7.69 -0.16 18.53
N GLU A 295 6.59 -0.92 18.52
CA GLU A 295 5.79 -1.14 17.32
C GLU A 295 4.49 -0.35 17.45
N ALA A 296 4.20 0.46 16.44
CA ALA A 296 3.07 1.38 16.48
C ALA A 296 1.87 0.77 15.77
N VAL A 297 0.73 0.76 16.43
CA VAL A 297 -0.50 0.17 15.90
C VAL A 297 -1.39 1.30 15.40
N GLU A 298 -1.94 1.11 14.19
CA GLU A 298 -2.83 2.09 13.58
C GLU A 298 -4.06 1.37 13.05
N PHE A 299 -5.15 2.12 12.93
CA PHE A 299 -6.43 1.60 12.50
C PHE A 299 -6.72 2.11 11.10
N ARG A 300 -6.75 1.21 10.13
CA ARG A 300 -7.36 1.51 8.85
C ARG A 300 -8.84 1.20 8.93
N GLN A 301 -9.63 1.90 8.11
CA GLN A 301 -11.06 1.67 8.16
C GLN A 301 -11.67 2.07 6.82
N GLU A 302 -12.53 1.21 6.31
CA GLU A 302 -13.32 1.49 5.12
C GLU A 302 -14.77 1.70 5.54
N THR A 303 -15.36 2.79 5.07
CA THR A 303 -16.68 3.23 5.49
C THR A 303 -17.66 3.10 4.34
N SER A 304 -18.84 2.55 4.64
CA SER A 304 -19.91 2.39 3.66
C SER A 304 -21.17 3.01 4.25
N VAL A 305 -21.67 4.06 3.62
CA VAL A 305 -22.84 4.78 4.10
C VAL A 305 -24.08 4.25 3.37
N VAL A 306 -25.13 3.96 4.14
CA VAL A 306 -26.40 3.49 3.61
C VAL A 306 -27.50 4.43 4.09
N ASN A 307 -28.28 4.95 3.16
CA ASN A 307 -29.36 5.87 3.53
C ASN A 307 -30.30 5.22 4.53
N TYR A 308 -30.71 6.00 5.52
CA TYR A 308 -31.73 5.59 6.47
C TYR A 308 -33.09 6.05 5.97
N ILE A 309 -34.02 5.12 5.87
CA ILE A 309 -35.36 5.41 5.36
C ILE A 309 -36.18 5.94 6.53
N ASP A 310 -36.31 7.26 6.61
CA ASP A 310 -37.04 7.92 7.69
C ASP A 310 -38.54 7.96 7.43
N GLN A 311 -39.06 7.07 6.59
CA GLN A 311 -40.50 7.05 6.33
C GLN A 311 -41.28 6.48 7.52
N ARG A 312 -40.62 5.71 8.39
CA ARG A 312 -41.33 5.12 9.52
C ARG A 312 -41.94 6.18 10.44
N PRO A 313 -41.19 7.19 10.91
CA PRO A 313 -41.82 8.24 11.72
C PRO A 313 -42.91 8.99 10.96
N ALA A 314 -42.56 9.55 9.81
CA ALA A 314 -43.51 10.26 8.96
C ALA A 314 -44.37 11.22 9.78
N ALA A 315 -43.70 11.98 10.64
CA ALA A 315 -44.39 12.89 11.55
C ALA A 315 -43.49 14.09 11.80
N LYS A 316 -43.81 14.88 12.82
CA LYS A 316 -43.07 16.08 13.18
C LYS A 316 -41.87 15.77 14.06
N LYS A 317 -41.36 14.52 14.04
CA LYS A 317 -40.21 14.17 14.85
C LYS A 317 -39.03 15.09 14.54
N SER A 318 -38.55 15.08 13.30
CA SER A 318 -37.56 16.04 12.81
C SER A 318 -36.37 16.15 13.76
N ALA A 319 -35.73 15.01 14.01
CA ALA A 319 -34.55 14.92 14.84
C ALA A 319 -33.55 13.99 14.19
N GLN A 320 -32.28 14.39 14.18
CA GLN A 320 -31.26 13.63 13.47
C GLN A 320 -31.02 12.29 14.16
N LEU A 321 -30.88 11.24 13.35
CA LEU A 321 -30.60 9.91 13.85
C LEU A 321 -29.30 9.41 13.25
N PHE A 322 -28.39 8.95 14.10
CA PHE A 322 -27.08 8.45 13.69
C PHE A 322 -27.04 6.95 13.93
N PHE A 323 -26.68 6.20 12.91
CA PHE A 323 -26.53 4.75 13.02
C PHE A 323 -25.13 4.38 12.56
N VAL A 324 -24.46 3.54 13.34
CA VAL A 324 -23.09 3.14 13.06
C VAL A 324 -22.93 1.66 13.34
N VAL A 325 -22.07 1.02 12.54
CA VAL A 325 -21.69 -0.37 12.77
C VAL A 325 -20.17 -0.45 12.70
N PHE A 326 -19.56 -0.94 13.77
CA PHE A 326 -18.13 -1.19 13.82
C PHE A 326 -17.89 -2.69 13.75
N GLU A 327 -17.04 -3.11 12.83
CA GLU A 327 -16.81 -4.51 12.56
C GLU A 327 -15.41 -4.67 12.00
N TRP A 328 -14.79 -5.82 12.28
CA TRP A 328 -13.45 -6.10 11.77
C TRP A 328 -13.53 -6.57 10.33
N LYS A 329 -12.71 -5.98 9.46
CA LYS A 329 -12.76 -6.34 8.05
C LYS A 329 -12.38 -7.79 7.82
N ASP A 330 -11.34 -8.26 8.51
CA ASP A 330 -10.87 -9.63 8.35
C ASP A 330 -9.94 -9.95 9.51
N PRO A 331 -9.63 -11.23 9.73
CA PRO A 331 -8.79 -11.62 10.86
C PRO A 331 -7.30 -11.34 10.70
N PHE A 332 -6.89 -10.59 9.68
CA PHE A 332 -5.48 -10.45 9.35
C PHE A 332 -4.98 -9.07 9.79
N ILE A 333 -3.96 -9.07 10.64
CA ILE A 333 -3.26 -7.86 11.02
C ILE A 333 -2.08 -7.68 10.07
N GLN A 334 -1.92 -6.48 9.54
CA GLN A 334 -0.86 -6.20 8.58
C GLN A 334 0.37 -5.70 9.32
N LYS A 335 1.39 -6.56 9.45
CA LYS A 335 2.67 -6.18 10.01
C LYS A 335 3.53 -5.59 8.89
N VAL A 336 3.93 -4.33 9.04
CA VAL A 336 4.78 -3.66 8.08
C VAL A 336 6.07 -3.26 8.78
N GLN A 337 7.21 -3.62 8.19
CA GLN A 337 8.48 -3.23 8.80
C GLN A 337 9.51 -2.95 7.71
N ASP A 338 10.30 -1.91 7.94
CA ASP A 338 11.40 -1.60 7.05
C ASP A 338 12.62 -2.45 7.40
N ILE A 339 13.37 -2.80 6.37
CA ILE A 339 14.55 -3.65 6.48
C ILE A 339 15.73 -2.89 5.91
N VAL A 340 16.81 -2.81 6.68
CA VAL A 340 18.05 -2.17 6.24
C VAL A 340 18.81 -3.23 5.45
N THR A 341 18.70 -3.17 4.12
CA THR A 341 19.31 -4.17 3.27
C THR A 341 20.84 -4.18 3.35
N ALA A 342 21.45 -3.12 3.85
CA ALA A 342 22.90 -2.99 3.92
C ALA A 342 23.38 -3.22 5.35
N ASN A 343 24.27 -4.20 5.52
CA ASN A 343 24.90 -4.43 6.81
C ASN A 343 26.42 -4.49 6.62
N PRO A 344 27.19 -3.98 7.58
CA PRO A 344 28.64 -3.89 7.36
C PRO A 344 29.32 -5.22 7.11
N TRP A 345 28.87 -6.30 7.75
CA TRP A 345 29.61 -7.55 7.70
C TRP A 345 29.60 -8.16 6.30
N ASN A 346 28.43 -8.17 5.65
CA ASN A 346 28.36 -8.69 4.29
C ASN A 346 29.21 -7.85 3.35
N THR A 347 29.17 -6.53 3.50
CA THR A 347 29.98 -5.67 2.65
C THR A 347 31.47 -5.93 2.84
N ILE A 348 31.91 -6.08 4.09
CA ILE A 348 33.32 -6.38 4.35
C ILE A 348 33.70 -7.72 3.74
N ALA A 349 32.85 -8.74 3.89
CA ALA A 349 33.17 -10.04 3.32
C ALA A 349 33.28 -9.98 1.81
N LEU A 350 32.33 -9.29 1.16
CA LEU A 350 32.37 -9.18 -0.29
C LEU A 350 33.60 -8.42 -0.77
N LEU A 351 33.94 -7.32 -0.10
CA LEU A 351 35.12 -6.57 -0.50
C LEU A 351 36.39 -7.37 -0.27
N CYS A 352 36.45 -8.13 0.83
CA CYS A 352 37.61 -8.97 1.08
C CYS A 352 37.75 -10.04 0.00
N GLY A 353 36.64 -10.65 -0.40
CA GLY A 353 36.69 -11.61 -1.50
C GLY A 353 37.19 -10.98 -2.78
N ALA A 354 36.71 -9.78 -3.09
CA ALA A 354 37.18 -9.08 -4.29
C ALA A 354 38.68 -8.80 -4.21
N PHE A 355 39.16 -8.34 -3.05
CA PHE A 355 40.58 -8.06 -2.89
C PHE A 355 41.42 -9.33 -3.05
N LEU A 356 40.95 -10.43 -2.48
CA LEU A 356 41.65 -11.71 -2.66
C LEU A 356 41.70 -12.10 -4.13
N ALA A 357 40.60 -11.91 -4.84
CA ALA A 357 40.59 -12.22 -6.27
C ALA A 357 41.60 -11.36 -7.01
N LEU A 358 41.67 -10.07 -6.69
CA LEU A 358 42.62 -9.19 -7.35
C LEU A 358 44.05 -9.58 -7.03
N PHE A 359 44.33 -9.98 -5.78
CA PHE A 359 45.66 -10.43 -5.42
C PHE A 359 46.05 -11.66 -6.21
N LYS A 360 45.14 -12.62 -6.33
CA LYS A 360 45.45 -13.80 -7.14
C LYS A 360 45.60 -13.45 -8.61
N ALA A 361 44.88 -12.44 -9.08
CA ALA A 361 45.10 -11.96 -10.45
C ALA A 361 46.51 -11.41 -10.61
N ALA A 362 46.99 -10.67 -9.61
CA ALA A 362 48.36 -10.14 -9.67
C ALA A 362 49.38 -11.26 -9.68
N GLU A 363 49.21 -12.27 -8.83
CA GLU A 363 50.17 -13.37 -8.84
C GLU A 363 50.08 -14.18 -10.13
N PHE A 364 48.88 -14.27 -10.73
CA PHE A 364 48.75 -14.89 -12.04
C PHE A 364 49.48 -14.07 -13.10
N ALA A 365 49.46 -12.75 -12.98
CA ALA A 365 50.24 -11.91 -13.89
C ALA A 365 51.73 -12.19 -13.74
N LYS A 366 52.19 -12.38 -12.50
CA LYS A 366 53.59 -12.76 -12.28
C LYS A 366 53.89 -14.11 -12.94
N LEU A 367 52.98 -15.07 -12.79
CA LEU A 367 53.17 -16.35 -13.46
C LEU A 367 53.19 -16.19 -14.97
N SER A 368 52.42 -15.25 -15.50
CA SER A 368 52.47 -14.97 -16.93
C SER A 368 53.81 -14.39 -17.34
N ILE A 369 54.39 -13.53 -16.48
CA ILE A 369 55.75 -13.06 -16.71
C ILE A 369 56.70 -14.24 -16.85
N LYS A 370 56.61 -15.18 -15.90
CA LYS A 370 57.48 -16.35 -15.92
C LYS A 370 57.25 -17.17 -17.19
N TRP A 371 55.99 -17.31 -17.60
CA TRP A 371 55.68 -18.07 -18.81
C TRP A 371 56.26 -17.42 -20.04
N MET A 372 56.16 -16.08 -20.13
CA MET A 372 56.77 -15.38 -21.27
C MET A 372 58.28 -15.55 -21.26
N ILE A 373 58.90 -15.50 -20.09
CA ILE A 373 60.34 -15.69 -20.00
C ILE A 373 60.71 -17.07 -20.48
N LYS A 374 59.94 -18.08 -20.07
CA LYS A 374 60.21 -19.45 -20.53
C LYS A 374 60.06 -19.57 -22.04
N ILE A 375 59.02 -18.95 -22.60
CA ILE A 375 58.81 -19.00 -24.05
C ILE A 375 60.00 -18.36 -24.77
N ARG A 376 60.44 -17.20 -24.29
CA ARG A 376 61.58 -16.54 -24.91
C ARG A 376 62.83 -17.39 -24.80
N LYS A 377 63.02 -18.06 -23.66
CA LYS A 377 64.16 -18.94 -23.50
C LYS A 377 64.12 -20.09 -24.50
N ARG A 378 62.93 -20.65 -24.73
CA ARG A 378 62.81 -21.75 -25.68
C ARG A 378 63.26 -21.34 -27.07
N TYR A 379 62.86 -20.15 -27.51
CA TYR A 379 63.28 -19.64 -28.82
C TYR A 379 64.79 -19.54 -28.91
N CYS B 102 60.56 -16.76 27.45
CA CYS B 102 60.47 -15.34 27.75
C CYS B 102 59.88 -14.58 26.56
N LEU B 103 60.70 -13.75 25.90
CA LEU B 103 60.21 -12.97 24.77
C LEU B 103 59.76 -13.88 23.64
N LYS B 104 60.52 -14.95 23.37
CA LYS B 104 60.13 -15.89 22.32
C LYS B 104 58.79 -16.54 22.65
N ASN B 105 58.63 -16.99 23.90
CA ASN B 105 57.37 -17.61 24.30
C ASN B 105 56.23 -16.59 24.27
N VAL B 106 56.50 -15.35 24.68
CA VAL B 106 55.47 -14.33 24.64
C VAL B 106 55.01 -14.08 23.22
N PHE B 107 55.95 -13.98 22.28
CA PHE B 107 55.57 -13.79 20.89
C PHE B 107 54.80 -14.99 20.34
N SER B 108 55.24 -16.20 20.69
CA SER B 108 54.56 -17.40 20.20
C SER B 108 53.13 -17.47 20.70
N VAL B 109 52.92 -17.21 22.00
CA VAL B 109 51.57 -17.26 22.55
C VAL B 109 50.73 -16.12 22.01
N LEU B 110 51.33 -14.95 21.78
CA LEU B 110 50.57 -13.84 21.20
C LEU B 110 50.13 -14.17 19.78
N LEU B 111 50.97 -14.86 19.02
CA LEU B 111 50.59 -15.17 17.65
C LEU B 111 49.61 -16.35 17.56
N ILE B 112 49.72 -17.33 18.44
CA ILE B 112 48.65 -18.33 18.49
C ILE B 112 47.36 -17.66 18.94
N PHE B 113 47.47 -16.64 19.78
CA PHE B 113 46.30 -15.86 20.16
C PHE B 113 45.70 -15.12 18.97
N ILE B 114 46.54 -14.55 18.10
CA ILE B 114 45.98 -13.83 16.95
C ILE B 114 45.39 -14.82 15.95
N TYR B 115 45.96 -16.01 15.82
CA TYR B 115 45.32 -17.05 15.01
C TYR B 115 43.96 -17.42 15.58
N LEU B 116 43.88 -17.60 16.90
CA LEU B 116 42.59 -17.84 17.52
C LEU B 116 41.66 -16.66 17.34
N LEU B 117 42.20 -15.45 17.26
CA LEU B 117 41.38 -14.27 17.00
C LEU B 117 40.80 -14.32 15.59
N LEU B 118 41.59 -14.75 14.61
CA LEU B 118 41.06 -14.94 13.27
C LEU B 118 39.97 -16.00 13.27
N MET B 119 40.19 -17.11 13.98
CA MET B 119 39.16 -18.14 14.07
C MET B 119 37.90 -17.62 14.72
N ALA B 120 38.05 -16.81 15.77
CA ALA B 120 36.89 -16.23 16.45
C ALA B 120 36.17 -15.25 15.56
N VAL B 121 36.90 -14.47 14.75
CA VAL B 121 36.27 -13.58 13.80
C VAL B 121 35.47 -14.38 12.77
N ALA B 122 36.05 -15.50 12.31
CA ALA B 122 35.32 -16.37 11.39
C ALA B 122 34.05 -16.90 12.03
N VAL B 123 34.13 -17.33 13.29
CA VAL B 123 32.96 -17.88 13.98
C VAL B 123 31.90 -16.79 14.17
N PHE B 124 32.32 -15.59 14.53
CA PHE B 124 31.38 -14.49 14.69
C PHE B 124 30.72 -14.15 13.37
N LEU B 125 31.49 -14.15 12.28
CA LEU B 125 30.91 -13.90 10.96
C LEU B 125 29.90 -14.98 10.59
N VAL B 126 30.22 -16.24 10.91
CA VAL B 126 29.28 -17.33 10.62
C VAL B 126 28.00 -17.17 11.43
N TYR B 127 28.14 -16.82 12.71
CA TYR B 127 26.95 -16.64 13.55
C TYR B 127 26.10 -15.48 13.05
N ARG B 128 26.75 -14.37 12.69
CA ARG B 128 26.00 -13.24 12.14
C ARG B 128 25.33 -13.61 10.83
N THR B 129 25.99 -14.42 10.01
CA THR B 129 25.38 -14.89 8.77
C THR B 129 24.16 -15.74 9.05
N ILE B 130 24.25 -16.63 10.04
CA ILE B 130 23.09 -17.44 10.41
C ILE B 130 21.93 -16.54 10.83
N THR B 131 22.21 -15.58 11.72
CA THR B 131 21.14 -14.71 12.21
C THR B 131 20.53 -13.90 11.08
N ASP B 132 21.38 -13.34 10.21
CA ASP B 132 20.87 -12.54 9.10
C ASP B 132 20.05 -13.37 8.13
N PHE B 133 20.50 -14.60 7.84
CA PHE B 133 19.75 -15.46 6.95
C PHE B 133 18.40 -15.81 7.55
N ARG B 134 18.36 -16.12 8.84
CA ARG B 134 17.09 -16.41 9.49
C ARG B 134 16.16 -15.22 9.45
N GLU B 135 16.68 -14.03 9.77
CA GLU B 135 15.85 -12.83 9.76
C GLU B 135 15.31 -12.54 8.36
N LYS B 136 16.17 -12.69 7.34
CA LYS B 136 15.73 -12.45 5.98
C LYS B 136 14.67 -13.46 5.55
N LEU B 137 14.84 -14.72 5.95
CA LEU B 137 13.81 -15.72 5.65
C LEU B 137 12.49 -15.34 6.30
N LYS B 138 12.55 -14.85 7.55
CA LYS B 138 11.32 -14.48 8.23
C LYS B 138 10.62 -13.32 7.54
N HIS B 139 11.36 -12.42 6.91
CA HIS B 139 10.83 -11.16 6.38
C HIS B 139 11.22 -11.00 4.91
N PRO B 140 10.53 -11.70 4.01
CA PRO B 140 10.70 -11.41 2.58
C PRO B 140 10.18 -10.03 2.25
N VAL B 141 10.81 -9.39 1.26
CA VAL B 141 10.51 -8.00 0.90
C VAL B 141 9.58 -7.98 -0.29
N MET B 142 8.56 -7.14 -0.22
CA MET B 142 7.55 -7.07 -1.28
C MET B 142 7.86 -6.12 -2.43
N SER B 143 7.54 -6.57 -3.65
CA SER B 143 7.74 -5.79 -4.85
C SER B 143 6.41 -5.64 -5.58
N VAL B 144 6.17 -4.45 -6.13
CA VAL B 144 4.94 -4.11 -6.82
C VAL B 144 5.29 -3.64 -8.23
N SER B 145 4.61 -4.20 -9.22
CA SER B 145 4.77 -3.80 -10.62
C SER B 145 3.39 -3.63 -11.24
N TYR B 146 3.21 -2.55 -12.00
CA TYR B 146 1.94 -2.24 -12.63
C TYR B 146 2.00 -2.65 -14.09
N LYS B 147 1.19 -3.66 -14.45
CA LYS B 147 1.15 -4.20 -15.81
C LYS B 147 -0.08 -3.66 -16.51
N GLU B 148 0.12 -2.97 -17.62
CA GLU B 148 -0.99 -2.36 -18.35
C GLU B 148 -1.64 -3.38 -19.26
N VAL B 149 -2.98 -3.36 -19.31
CA VAL B 149 -3.76 -4.28 -20.13
C VAL B 149 -4.67 -3.45 -21.02
N ASP B 150 -4.67 -3.74 -22.32
CA ASP B 150 -5.49 -2.97 -23.25
C ASP B 150 -6.97 -3.08 -22.93
N ARG B 151 -7.43 -4.30 -22.62
CA ARG B 151 -8.81 -4.53 -22.21
C ARG B 151 -8.84 -5.61 -21.15
N TYR B 152 -9.65 -5.39 -20.12
CA TYR B 152 -9.77 -6.34 -19.04
C TYR B 152 -10.65 -7.52 -19.43
N ASP B 153 -10.42 -8.65 -18.77
CA ASP B 153 -11.33 -9.78 -18.90
C ASP B 153 -12.64 -9.44 -18.21
N ALA B 154 -13.75 -9.66 -18.90
CA ALA B 154 -15.07 -9.26 -18.40
C ALA B 154 -15.26 -9.78 -16.98
N PRO B 155 -15.26 -8.91 -15.97
CA PRO B 155 -15.46 -9.39 -14.59
C PRO B 155 -16.89 -9.84 -14.37
N GLY B 156 -17.04 -10.69 -13.36
CA GLY B 156 -18.35 -11.14 -12.94
C GLY B 156 -18.78 -10.38 -11.71
N ILE B 157 -19.93 -9.72 -11.80
CA ILE B 157 -20.50 -8.96 -10.69
C ILE B 157 -21.69 -9.77 -10.19
N ALA B 158 -21.51 -10.47 -9.08
CA ALA B 158 -22.59 -11.23 -8.45
C ALA B 158 -23.33 -10.29 -7.53
N LEU B 159 -24.55 -9.92 -7.93
CA LEU B 159 -25.41 -9.07 -7.12
C LEU B 159 -26.40 -9.92 -6.36
N TYR B 160 -26.88 -9.39 -5.24
CA TYR B 160 -27.86 -10.08 -4.40
C TYR B 160 -29.04 -9.14 -4.16
N PRO B 161 -29.87 -8.93 -5.18
CA PRO B 161 -30.99 -8.00 -5.02
C PRO B 161 -31.96 -8.39 -3.93
N GLY B 162 -32.16 -9.68 -3.69
CA GLY B 162 -33.22 -10.12 -2.82
C GLY B 162 -34.57 -9.89 -3.47
N GLN B 163 -35.35 -8.96 -2.92
CA GLN B 163 -36.63 -8.59 -3.53
C GLN B 163 -36.51 -7.44 -4.51
N ALA B 164 -35.33 -6.82 -4.62
CA ALA B 164 -35.15 -5.72 -5.56
C ALA B 164 -35.28 -6.23 -6.99
N GLN B 165 -36.01 -5.49 -7.81
CA GLN B 165 -36.24 -5.85 -9.20
C GLN B 165 -35.29 -5.05 -10.07
N LEU B 166 -34.48 -5.75 -10.86
CA LEU B 166 -33.53 -5.09 -11.76
C LEU B 166 -34.32 -4.39 -12.86
N LEU B 167 -34.45 -3.07 -12.74
CA LEU B 167 -35.17 -2.33 -13.76
C LEU B 167 -34.43 -2.35 -15.09
N SER B 168 -33.11 -2.20 -15.06
CA SER B 168 -32.37 -2.14 -16.31
C SER B 168 -30.89 -2.34 -16.08
N CYS B 169 -30.15 -2.76 -17.09
CA CYS B 169 -28.70 -2.92 -17.08
C CYS B 169 -28.26 -2.39 -18.46
N LYS B 170 -27.19 -1.62 -18.59
CA LYS B 170 -26.69 -1.08 -19.84
C LYS B 170 -25.17 -1.04 -19.81
N HIS B 171 -24.55 -1.17 -20.98
CA HIS B 171 -23.13 -0.95 -21.17
C HIS B 171 -22.97 0.40 -21.88
N HIS B 172 -22.31 1.34 -21.22
CA HIS B 172 -22.10 2.67 -21.75
C HIS B 172 -20.62 2.91 -21.97
N TYR B 173 -20.24 3.15 -23.23
CA TYR B 173 -18.85 3.44 -23.55
C TYR B 173 -18.47 4.87 -23.20
N GLU B 174 -19.45 5.76 -23.07
CA GLU B 174 -19.15 7.15 -22.74
C GLU B 174 -18.67 7.26 -21.30
N VAL B 175 -18.07 8.40 -20.98
CA VAL B 175 -17.60 8.63 -19.62
C VAL B 175 -18.76 8.73 -18.64
N ILE B 176 -19.97 8.98 -19.13
CA ILE B 176 -21.15 9.09 -18.25
C ILE B 176 -22.32 8.36 -18.87
N PRO B 177 -23.21 7.82 -18.04
CA PRO B 177 -24.47 7.30 -18.57
C PRO B 177 -25.35 8.43 -19.06
N PRO B 178 -26.23 8.17 -20.02
CA PRO B 178 -27.17 9.20 -20.48
C PRO B 178 -28.33 9.34 -19.51
N LEU B 179 -29.27 10.21 -19.86
CA LEU B 179 -30.44 10.43 -19.03
C LEU B 179 -31.30 9.17 -18.97
N THR B 180 -31.96 8.97 -17.84
CA THR B 180 -32.73 7.76 -17.58
C THR B 180 -34.20 8.10 -17.36
N SER B 181 -35.00 7.06 -17.12
CA SER B 181 -36.42 7.19 -16.80
C SER B 181 -36.66 6.38 -15.54
N PRO B 182 -36.32 6.93 -14.38
CA PRO B 182 -36.25 6.10 -13.17
C PRO B 182 -37.62 5.65 -12.70
N GLY B 183 -37.62 4.52 -11.98
CA GLY B 183 -38.82 3.98 -11.39
C GLY B 183 -39.61 3.03 -12.27
N GLN B 184 -39.22 2.85 -13.53
CA GLN B 184 -39.95 2.00 -14.44
C GLN B 184 -38.98 1.05 -15.14
N PRO B 185 -39.46 -0.11 -15.59
CA PRO B 185 -38.57 -1.04 -16.30
C PRO B 185 -38.03 -0.39 -17.57
N GLY B 186 -36.78 -0.72 -17.89
CA GLY B 186 -36.13 -0.18 -19.07
C GLY B 186 -35.45 -1.26 -19.89
N ASP B 187 -34.84 -0.86 -21.00
CA ASP B 187 -34.16 -1.84 -21.86
C ASP B 187 -32.99 -2.46 -21.10
N MET B 188 -32.80 -3.76 -21.30
CA MET B 188 -31.73 -4.51 -20.67
C MET B 188 -30.74 -4.93 -21.75
N ASN B 189 -29.47 -4.64 -21.59
CA ASN B 189 -28.49 -4.92 -22.63
C ASN B 189 -27.26 -5.39 -21.93
N CYS B 190 -27.35 -6.29 -20.96
CA CYS B 190 -26.15 -6.91 -20.35
C CYS B 190 -26.37 -8.41 -20.33
N THR B 191 -25.38 -9.22 -20.00
CA THR B 191 -25.46 -10.69 -19.95
C THR B 191 -25.64 -11.12 -18.50
N THR B 192 -26.79 -11.67 -18.12
CA THR B 192 -27.02 -11.99 -16.72
C THR B 192 -27.30 -13.48 -16.56
N GLN B 193 -26.90 -14.02 -15.42
CA GLN B 193 -27.10 -15.44 -15.09
C GLN B 193 -27.52 -15.53 -13.64
N ARG B 194 -28.67 -16.15 -13.38
CA ARG B 194 -29.21 -16.27 -12.03
C ARG B 194 -28.88 -17.65 -11.48
N ILE B 195 -28.25 -17.68 -10.30
CA ILE B 195 -27.80 -18.92 -9.69
C ILE B 195 -28.15 -18.90 -8.20
N ASN B 196 -28.70 -19.97 -7.65
CA ASN B 196 -28.99 -20.05 -6.20
C ASN B 196 -28.04 -21.07 -5.60
N TYR B 197 -26.99 -20.65 -4.92
CA TYR B 197 -26.02 -21.50 -4.24
C TYR B 197 -26.23 -21.40 -2.74
N THR B 198 -25.57 -22.19 -1.91
CA THR B 198 -25.68 -22.12 -0.43
C THR B 198 -24.34 -21.66 0.07
N ASP B 199 -24.26 -20.53 0.72
CA ASP B 199 -22.98 -19.98 1.16
C ASP B 199 -22.37 -20.91 2.20
N PRO B 200 -21.09 -21.28 2.08
CA PRO B 200 -20.51 -22.24 3.02
C PRO B 200 -20.53 -21.78 4.46
N PHE B 201 -20.58 -20.47 4.71
CA PHE B 201 -20.54 -19.95 6.06
C PHE B 201 -21.90 -20.01 6.75
N SER B 202 -23.00 -20.20 6.02
CA SER B 202 -24.32 -20.44 6.67
C SER B 202 -24.63 -21.91 6.49
N ASN B 203 -24.42 -22.45 5.29
CA ASN B 203 -24.61 -23.88 4.99
C ASN B 203 -26.10 -24.23 5.08
N GLN B 204 -26.95 -23.32 5.55
CA GLN B 204 -28.39 -23.60 5.75
C GLN B 204 -29.17 -22.63 4.89
N THR B 205 -28.83 -21.35 4.98
CA THR B 205 -29.44 -20.33 4.14
C THR B 205 -28.91 -20.41 2.71
N VAL B 206 -29.82 -20.35 1.74
CA VAL B 206 -29.49 -20.39 0.33
C VAL B 206 -29.73 -19.00 -0.25
N LYS B 207 -28.71 -18.46 -0.92
CA LYS B 207 -28.76 -17.12 -1.49
C LYS B 207 -28.83 -17.21 -3.00
N SER B 208 -29.65 -16.34 -3.60
CA SER B 208 -29.77 -16.21 -5.03
C SER B 208 -28.93 -15.03 -5.51
N ALA B 209 -28.11 -15.27 -6.53
CA ALA B 209 -27.21 -14.27 -7.06
C ALA B 209 -27.51 -14.03 -8.53
N LEU B 210 -27.35 -12.79 -8.95
CA LEU B 210 -27.48 -12.38 -10.35
C LEU B 210 -26.08 -11.98 -10.81
N ILE B 211 -25.45 -12.83 -11.60
CA ILE B 211 -24.11 -12.59 -12.11
C ILE B 211 -24.25 -11.78 -13.40
N VAL B 212 -23.62 -10.61 -13.43
CA VAL B 212 -23.64 -9.72 -14.58
C VAL B 212 -22.23 -9.64 -15.15
N GLN B 213 -22.14 -9.65 -16.47
CA GLN B 213 -20.86 -9.48 -17.14
C GLN B 213 -20.43 -8.02 -17.05
N GLY B 214 -19.30 -7.77 -16.42
CA GLY B 214 -18.84 -6.41 -16.23
C GLY B 214 -18.18 -5.84 -17.46
N PRO B 215 -17.76 -4.57 -17.34
CA PRO B 215 -17.11 -3.92 -18.47
C PRO B 215 -15.77 -4.54 -18.79
N ARG B 216 -15.41 -4.51 -20.08
CA ARG B 216 -14.15 -5.05 -20.57
C ARG B 216 -13.16 -3.95 -20.95
N GLU B 217 -13.56 -3.04 -21.82
CA GLU B 217 -12.63 -2.08 -22.43
C GLU B 217 -12.50 -0.87 -21.51
N VAL B 218 -11.50 -0.90 -20.64
CA VAL B 218 -11.21 0.23 -19.78
C VAL B 218 -10.73 1.42 -20.61
N LYS B 219 -9.96 1.14 -21.68
CA LYS B 219 -9.40 2.23 -22.48
C LYS B 219 -10.48 3.11 -23.08
N LYS B 220 -11.65 2.54 -23.38
CA LYS B 220 -12.78 3.31 -23.86
C LYS B 220 -13.63 3.87 -22.72
N ARG B 221 -13.20 3.68 -21.48
CA ARG B 221 -13.97 4.11 -20.31
C ARG B 221 -15.36 3.47 -20.31
N GLU B 222 -15.41 2.20 -20.71
CA GLU B 222 -16.67 1.46 -20.70
C GLU B 222 -17.10 1.22 -19.26
N LEU B 223 -18.41 1.29 -19.02
CA LEU B 223 -18.96 1.06 -17.69
C LEU B 223 -20.29 0.33 -17.84
N VAL B 224 -20.71 -0.30 -16.76
CA VAL B 224 -21.99 -1.00 -16.69
C VAL B 224 -22.86 -0.27 -15.68
N PHE B 225 -24.02 0.19 -16.13
CA PHE B 225 -24.95 0.94 -15.30
C PHE B 225 -26.16 0.07 -15.03
N LEU B 226 -26.46 -0.16 -13.75
CA LEU B 226 -27.55 -1.01 -13.33
C LEU B 226 -28.54 -0.21 -12.49
N GLN B 227 -29.83 -0.45 -12.72
CA GLN B 227 -30.91 0.18 -11.97
C GLN B 227 -31.83 -0.90 -11.44
N PHE B 228 -32.04 -0.91 -10.13
CA PHE B 228 -32.95 -1.82 -9.45
C PHE B 228 -34.05 -1.02 -8.76
N ARG B 229 -35.20 -1.65 -8.56
CA ARG B 229 -36.31 -1.05 -7.84
C ARG B 229 -36.80 -2.04 -6.78
N LEU B 230 -36.89 -1.57 -5.55
CA LEU B 230 -37.41 -2.36 -4.43
C LEU B 230 -38.71 -1.73 -3.96
N ASN B 231 -39.77 -2.53 -3.92
CA ASN B 231 -41.07 -2.05 -3.48
C ASN B 231 -41.01 -1.64 -2.01
N LYS B 232 -42.12 -1.11 -1.51
CA LYS B 232 -42.16 -0.64 -0.13
C LYS B 232 -41.75 -1.75 0.82
N SER B 233 -40.84 -1.44 1.74
CA SER B 233 -40.32 -2.40 2.69
C SER B 233 -40.30 -1.76 4.08
N SER B 234 -39.77 -2.50 5.04
CA SER B 234 -39.72 -2.05 6.43
C SER B 234 -38.37 -2.39 7.05
N GLU B 235 -37.28 -2.13 6.31
CA GLU B 235 -35.94 -2.43 6.79
C GLU B 235 -35.21 -1.22 7.35
N ASP B 236 -35.54 -0.02 6.85
CA ASP B 236 -34.94 1.23 7.32
C ASP B 236 -33.51 1.41 6.81
N PHE B 237 -32.94 0.36 6.22
CA PHE B 237 -31.60 0.44 5.62
C PHE B 237 -31.59 -0.52 4.44
N SER B 238 -31.89 0.02 3.26
CA SER B 238 -31.99 -0.78 2.05
C SER B 238 -30.67 -0.71 1.30
N ALA B 239 -30.06 -1.88 1.09
CA ALA B 239 -28.81 -1.97 0.37
C ALA B 239 -28.75 -3.32 -0.31
N ILE B 240 -27.94 -3.40 -1.37
CA ILE B 240 -27.78 -4.63 -2.15
C ILE B 240 -26.31 -5.02 -2.11
N ASP B 241 -26.06 -6.29 -1.80
CA ASP B 241 -24.71 -6.84 -1.77
C ASP B 241 -24.22 -7.12 -3.18
N TYR B 242 -22.93 -6.90 -3.39
CA TYR B 242 -22.28 -7.24 -4.66
C TYR B 242 -20.89 -7.77 -4.39
N LEU B 243 -20.50 -8.76 -5.20
CA LEU B 243 -19.21 -9.42 -5.09
C LEU B 243 -18.58 -9.49 -6.49
N LEU B 244 -17.33 -9.09 -6.60
CA LEU B 244 -16.63 -9.05 -7.88
C LEU B 244 -15.66 -10.21 -7.96
N PHE B 245 -15.71 -10.94 -9.08
CA PHE B 245 -14.72 -11.98 -9.36
C PHE B 245 -14.17 -11.81 -10.75
N SER B 246 -13.01 -12.45 -10.99
CA SER B 246 -12.13 -12.06 -12.07
C SER B 246 -12.81 -12.15 -13.43
N SER B 247 -13.41 -13.30 -13.74
CA SER B 247 -13.92 -13.55 -15.08
C SER B 247 -15.34 -14.09 -15.00
N PHE B 248 -16.23 -13.49 -15.79
CA PHE B 248 -17.59 -14.01 -15.94
C PHE B 248 -17.62 -15.24 -16.83
N GLN B 249 -16.77 -15.28 -17.86
CA GLN B 249 -16.74 -16.44 -18.73
C GLN B 249 -16.26 -17.68 -17.97
N GLU B 250 -15.25 -17.53 -17.11
CA GLU B 250 -14.84 -18.64 -16.26
C GLU B 250 -16.02 -19.19 -15.48
N PHE B 251 -16.89 -18.30 -14.98
CA PHE B 251 -18.09 -18.77 -14.29
C PHE B 251 -19.02 -19.49 -15.24
N LEU B 252 -19.21 -18.96 -16.45
CA LEU B 252 -20.13 -19.59 -17.39
C LEU B 252 -19.69 -21.01 -17.74
N GLN B 253 -18.42 -21.19 -18.08
CA GLN B 253 -17.92 -22.47 -18.58
C GLN B 253 -17.22 -23.27 -17.49
N SER B 254 -17.72 -23.16 -16.26
CA SER B 254 -17.19 -23.92 -15.13
C SER B 254 -18.27 -24.86 -14.61
N PRO B 255 -18.08 -26.19 -14.63
CA PRO B 255 -19.06 -27.08 -13.99
C PRO B 255 -19.35 -26.67 -12.56
N ASN B 256 -20.39 -27.25 -11.98
CA ASN B 256 -20.84 -26.96 -10.60
C ASN B 256 -20.67 -25.48 -10.27
N ARG B 257 -21.33 -24.65 -11.07
CA ARG B 257 -21.32 -23.21 -10.84
C ARG B 257 -21.55 -22.88 -9.36
N VAL B 258 -22.30 -23.73 -8.66
CA VAL B 258 -22.49 -23.55 -7.22
C VAL B 258 -21.14 -23.59 -6.52
N GLY B 259 -20.28 -24.53 -6.91
CA GLY B 259 -18.94 -24.58 -6.33
C GLY B 259 -18.13 -23.34 -6.64
N PHE B 260 -18.23 -22.84 -7.87
CA PHE B 260 -17.51 -21.63 -8.25
C PHE B 260 -17.95 -20.45 -7.39
N MET B 261 -19.27 -20.30 -7.20
CA MET B 261 -19.77 -19.19 -6.38
C MET B 261 -19.38 -19.35 -4.92
N GLN B 262 -19.41 -20.59 -4.41
CA GLN B 262 -19.02 -20.81 -3.02
C GLN B 262 -17.54 -20.51 -2.82
N ALA B 263 -16.76 -20.58 -3.86
CA ALA B 263 -15.34 -20.24 -3.79
C ALA B 263 -15.17 -18.75 -3.74
N CYS B 264 -16.04 -18.00 -4.40
CA CYS B 264 -16.00 -16.52 -4.49
C CYS B 264 -16.49 -15.90 -3.21
N GLU B 265 -17.46 -16.47 -2.57
CA GLU B 265 -17.96 -15.96 -1.29
C GLU B 265 -16.83 -16.01 -0.30
N SER B 266 -15.70 -16.61 -0.66
CA SER B 266 -14.52 -16.72 0.25
C SER B 266 -13.30 -16.00 -0.33
N ALA B 267 -12.91 -16.28 -1.57
CA ALA B 267 -11.73 -15.69 -2.18
C ALA B 267 -11.92 -14.23 -2.56
N TYR B 268 -13.14 -13.69 -2.42
CA TYR B 268 -13.44 -12.32 -2.82
C TYR B 268 -14.24 -11.62 -1.73
N SER B 269 -14.05 -10.31 -1.64
CA SER B 269 -14.81 -9.50 -0.71
C SER B 269 -16.18 -9.15 -1.30
N SER B 270 -17.13 -8.86 -0.42
CA SER B 270 -18.49 -8.50 -0.81
C SER B 270 -18.84 -7.17 -0.17
N TRP B 271 -19.20 -6.19 -0.99
CA TRP B 271 -19.55 -4.85 -0.54
C TRP B 271 -21.05 -4.63 -0.73
N LYS B 272 -21.48 -3.41 -0.42
CA LYS B 272 -22.89 -3.03 -0.52
C LYS B 272 -23.01 -1.72 -1.29
N PHE B 273 -24.14 -1.56 -1.97
CA PHE B 273 -24.53 -0.27 -2.51
C PHE B 273 -25.96 0.05 -2.09
N SER B 274 -26.20 1.29 -1.73
CA SER B 274 -27.42 1.71 -1.08
C SER B 274 -28.42 2.28 -2.07
N GLY B 275 -29.69 2.32 -1.65
CA GLY B 275 -30.71 2.99 -2.42
C GLY B 275 -30.69 4.49 -2.21
N GLY B 276 -31.22 5.21 -3.19
CA GLY B 276 -31.20 6.65 -3.16
C GLY B 276 -29.88 7.26 -3.58
N PHE B 277 -28.90 6.45 -3.95
CA PHE B 277 -27.61 6.91 -4.45
C PHE B 277 -27.43 6.44 -5.90
N ARG B 278 -26.31 6.86 -6.49
CA ARG B 278 -25.76 6.23 -7.68
C ARG B 278 -24.35 5.83 -7.30
N THR B 279 -24.21 4.63 -6.75
CA THR B 279 -22.92 4.14 -6.31
C THR B 279 -22.03 3.90 -7.52
N TRP B 280 -21.03 4.75 -7.71
CA TRP B 280 -20.05 4.61 -8.78
C TRP B 280 -18.87 3.83 -8.22
N VAL B 281 -18.65 2.62 -8.73
CA VAL B 281 -17.61 1.73 -8.23
C VAL B 281 -16.51 1.68 -9.28
N LYS B 282 -15.34 2.21 -8.94
CA LYS B 282 -14.16 2.13 -9.79
C LYS B 282 -13.29 1.01 -9.25
N MET B 283 -13.15 -0.06 -10.02
CA MET B 283 -12.55 -1.29 -9.55
C MET B 283 -11.21 -1.55 -10.24
N SER B 284 -10.32 -2.18 -9.50
CA SER B 284 -8.98 -2.51 -9.97
C SER B 284 -8.55 -3.90 -9.52
N LEU B 285 -7.61 -4.49 -10.26
CA LEU B 285 -7.17 -5.85 -10.03
C LEU B 285 -5.80 -5.85 -9.37
N VAL B 286 -5.68 -6.58 -8.26
CA VAL B 286 -4.41 -6.80 -7.58
C VAL B 286 -4.14 -8.29 -7.58
N LYS B 287 -3.06 -8.70 -8.23
CA LYS B 287 -2.68 -10.11 -8.32
C LYS B 287 -1.47 -10.32 -7.43
N THR B 288 -1.64 -11.12 -6.40
CA THR B 288 -0.57 -11.43 -5.44
C THR B 288 -0.01 -12.81 -5.76
N LYS B 289 1.30 -12.88 -5.93
CA LYS B 289 1.99 -14.13 -6.23
C LYS B 289 2.67 -14.62 -4.96
N GLU B 290 2.31 -15.83 -4.53
CA GLU B 290 2.89 -16.45 -3.35
C GLU B 290 3.92 -17.50 -3.76
N GLU B 291 4.69 -17.96 -2.75
CA GLU B 291 5.74 -18.93 -3.03
C GLU B 291 5.17 -20.23 -3.56
N ASP B 292 4.05 -20.68 -3.01
CA ASP B 292 3.48 -21.99 -3.37
C ASP B 292 2.57 -21.84 -4.59
N GLY B 293 3.21 -21.51 -5.71
CA GLY B 293 2.53 -21.59 -7.00
C GLY B 293 1.51 -20.51 -7.28
N ARG B 294 0.23 -20.90 -7.22
CA ARG B 294 -0.87 -20.11 -7.77
C ARG B 294 -0.79 -18.63 -7.42
N GLU B 295 -1.32 -17.79 -8.31
CA GLU B 295 -1.40 -16.35 -8.10
C GLU B 295 -2.85 -15.98 -7.84
N ALA B 296 -3.08 -15.28 -6.73
CA ALA B 296 -4.43 -14.96 -6.27
C ALA B 296 -4.83 -13.57 -6.72
N VAL B 297 -6.00 -13.46 -7.35
CA VAL B 297 -6.50 -12.20 -7.88
C VAL B 297 -7.54 -11.65 -6.92
N GLU B 298 -7.45 -10.36 -6.61
CA GLU B 298 -8.38 -9.69 -5.72
C GLU B 298 -8.82 -8.38 -6.36
N PHE B 299 -10.00 -7.93 -5.96
CA PHE B 299 -10.62 -6.74 -6.49
C PHE B 299 -10.56 -5.63 -5.44
N ARG B 300 -9.79 -4.59 -5.72
CA ARG B 300 -9.94 -3.35 -4.98
C ARG B 300 -11.00 -2.50 -5.65
N GLN B 301 -11.65 -1.65 -4.87
CA GLN B 301 -12.70 -0.82 -5.44
C GLN B 301 -12.87 0.42 -4.60
N GLU B 302 -12.97 1.57 -5.27
CA GLU B 302 -13.28 2.84 -4.64
C GLU B 302 -14.70 3.24 -5.03
N THR B 303 -15.50 3.59 -4.04
CA THR B 303 -16.92 3.85 -4.22
C THR B 303 -17.20 5.34 -4.01
N SER B 304 -18.00 5.91 -4.90
CA SER B 304 -18.41 7.31 -4.82
C SER B 304 -19.93 7.35 -4.91
N VAL B 305 -20.58 7.80 -3.85
CA VAL B 305 -22.03 7.85 -3.78
C VAL B 305 -22.50 9.25 -4.18
N VAL B 306 -23.49 9.32 -5.05
CA VAL B 306 -24.09 10.57 -5.51
C VAL B 306 -25.58 10.50 -5.23
N ASN B 307 -26.10 11.50 -4.54
CA ASN B 307 -27.54 11.51 -4.22
C ASN B 307 -28.37 11.45 -5.50
N TYR B 308 -29.43 10.66 -5.45
CA TYR B 308 -30.41 10.60 -6.51
C TYR B 308 -31.52 11.60 -6.22
N ILE B 309 -31.80 12.47 -7.18
CA ILE B 309 -32.80 13.51 -7.02
C ILE B 309 -34.15 12.88 -7.37
N ASP B 310 -34.91 12.50 -6.35
CA ASP B 310 -36.21 11.86 -6.52
C ASP B 310 -37.33 12.86 -6.72
N GLN B 311 -37.01 14.08 -7.17
CA GLN B 311 -38.05 15.07 -7.43
C GLN B 311 -38.85 14.75 -8.69
N ARG B 312 -38.30 13.93 -9.60
CA ARG B 312 -39.02 13.61 -10.82
C ARG B 312 -40.35 12.91 -10.55
N PRO B 313 -40.40 11.83 -9.76
CA PRO B 313 -41.70 11.23 -9.44
C PRO B 313 -42.64 12.18 -8.73
N ALA B 314 -42.18 12.71 -7.59
CA ALA B 314 -42.96 13.69 -6.82
C ALA B 314 -44.40 13.22 -6.64
N ALA B 315 -44.55 11.96 -6.27
CA ALA B 315 -45.86 11.36 -6.14
C ALA B 315 -45.80 10.31 -5.04
N LYS B 316 -46.81 9.45 -4.98
CA LYS B 316 -46.91 8.41 -3.98
C LYS B 316 -46.14 7.14 -4.37
N LYS B 317 -45.15 7.26 -5.26
CA LYS B 317 -44.36 6.11 -5.67
C LYS B 317 -43.75 5.42 -4.46
N SER B 318 -42.88 6.13 -3.73
CA SER B 318 -42.36 5.68 -2.44
C SER B 318 -41.81 4.26 -2.52
N ALA B 319 -40.86 4.06 -3.43
CA ALA B 319 -40.20 2.79 -3.63
C ALA B 319 -38.71 3.04 -3.82
N GLN B 320 -37.89 2.22 -3.17
CA GLN B 320 -36.45 2.45 -3.20
C GLN B 320 -35.89 2.19 -4.58
N LEU B 321 -34.98 3.06 -5.03
CA LEU B 321 -34.32 2.92 -6.31
C LEU B 321 -32.82 2.83 -6.10
N PHE B 322 -32.21 1.81 -6.68
CA PHE B 322 -30.77 1.56 -6.56
C PHE B 322 -30.13 1.81 -7.91
N PHE B 323 -29.10 2.64 -7.94
CA PHE B 323 -28.35 2.90 -9.16
C PHE B 323 -26.88 2.61 -8.90
N VAL B 324 -26.25 1.89 -9.81
CA VAL B 324 -24.86 1.48 -9.65
C VAL B 324 -24.14 1.62 -10.98
N VAL B 325 -22.86 1.96 -10.92
CA VAL B 325 -21.99 2.00 -12.08
C VAL B 325 -20.72 1.25 -11.73
N PHE B 326 -20.40 0.23 -12.52
CA PHE B 326 -19.16 -0.53 -12.40
C PHE B 326 -18.25 -0.15 -13.55
N GLU B 327 -17.02 0.25 -13.21
CA GLU B 327 -16.08 0.75 -14.20
C GLU B 327 -14.67 0.46 -13.70
N TRP B 328 -13.75 0.25 -14.63
CA TRP B 328 -12.36 0.00 -14.28
C TRP B 328 -11.65 1.32 -13.98
N LYS B 329 -10.94 1.37 -12.85
CA LYS B 329 -10.28 2.61 -12.46
C LYS B 329 -9.22 3.01 -13.47
N ASP B 330 -8.42 2.05 -13.93
CA ASP B 330 -7.35 2.33 -14.87
C ASP B 330 -6.89 1.02 -15.48
N PRO B 331 -6.13 1.07 -16.58
CA PRO B 331 -5.71 -0.16 -17.26
C PRO B 331 -4.59 -0.94 -16.57
N PHE B 332 -4.22 -0.59 -15.34
CA PHE B 332 -3.04 -1.15 -14.70
C PHE B 332 -3.45 -2.17 -13.66
N ILE B 333 -2.96 -3.40 -13.82
CA ILE B 333 -3.10 -4.46 -12.82
C ILE B 333 -1.89 -4.41 -11.91
N GLN B 334 -2.12 -4.45 -10.61
CA GLN B 334 -1.04 -4.35 -9.63
C GLN B 334 -0.57 -5.75 -9.28
N LYS B 335 0.60 -6.15 -9.79
CA LYS B 335 1.23 -7.41 -9.44
C LYS B 335 2.07 -7.19 -8.18
N VAL B 336 1.74 -7.90 -7.11
CA VAL B 336 2.47 -7.82 -5.86
C VAL B 336 3.05 -9.19 -5.55
N GLN B 337 4.35 -9.24 -5.28
CA GLN B 337 4.96 -10.52 -4.93
C GLN B 337 6.06 -10.32 -3.90
N ASP B 338 6.12 -11.25 -2.95
CA ASP B 338 7.19 -11.26 -1.97
C ASP B 338 8.42 -11.93 -2.55
N ILE B 339 9.58 -11.43 -2.14
CA ILE B 339 10.88 -11.91 -2.61
C ILE B 339 11.68 -12.34 -1.40
N VAL B 340 12.22 -13.56 -1.44
CA VAL B 340 13.07 -14.08 -0.39
C VAL B 340 14.47 -13.57 -0.67
N THR B 341 14.86 -12.49 0.00
CA THR B 341 16.14 -11.85 -0.26
C THR B 341 17.34 -12.74 0.08
N ALA B 342 17.14 -13.80 0.87
CA ALA B 342 18.21 -14.67 1.30
C ALA B 342 18.16 -15.98 0.53
N ASN B 343 19.26 -16.32 -0.15
CA ASN B 343 19.39 -17.59 -0.83
C ASN B 343 20.70 -18.26 -0.40
N PRO B 344 20.71 -19.58 -0.27
CA PRO B 344 21.91 -20.23 0.29
C PRO B 344 23.18 -20.01 -0.52
N TRP B 345 23.07 -19.94 -1.85
CA TRP B 345 24.27 -19.92 -2.69
C TRP B 345 25.08 -18.64 -2.50
N ASN B 346 24.40 -17.49 -2.47
CA ASN B 346 25.09 -16.23 -2.25
C ASN B 346 25.74 -16.21 -0.87
N THR B 347 25.03 -16.71 0.14
CA THR B 347 25.60 -16.76 1.48
C THR B 347 26.84 -17.63 1.54
N ILE B 348 26.79 -18.81 0.91
CA ILE B 348 27.96 -19.69 0.87
C ILE B 348 29.12 -19.00 0.18
N ALA B 349 28.86 -18.36 -0.97
CA ALA B 349 29.93 -17.70 -1.69
C ALA B 349 30.56 -16.59 -0.86
N LEU B 350 29.73 -15.78 -0.20
CA LEU B 350 30.26 -14.69 0.61
C LEU B 350 31.07 -15.22 1.80
N LEU B 351 30.58 -16.26 2.46
CA LEU B 351 31.32 -16.83 3.58
C LEU B 351 32.62 -17.45 3.13
N CYS B 352 32.61 -18.12 1.97
CA CYS B 352 33.83 -18.69 1.44
C CYS B 352 34.85 -17.61 1.10
N GLY B 353 34.40 -16.49 0.52
CA GLY B 353 35.31 -15.38 0.28
C GLY B 353 35.90 -14.84 1.57
N ALA B 354 35.07 -14.72 2.61
CA ALA B 354 35.58 -14.24 3.90
C ALA B 354 36.61 -15.20 4.47
N PHE B 355 36.34 -16.51 4.38
CA PHE B 355 37.29 -17.49 4.91
C PHE B 355 38.60 -17.45 4.14
N LEU B 356 38.53 -17.30 2.81
CA LEU B 356 39.75 -17.16 2.02
C LEU B 356 40.53 -15.92 2.43
N ALA B 357 39.84 -14.81 2.68
CA ALA B 357 40.51 -13.60 3.12
C ALA B 357 41.20 -13.84 4.47
N LEU B 358 40.53 -14.52 5.39
CA LEU B 358 41.13 -14.79 6.69
C LEU B 358 42.34 -15.70 6.57
N PHE B 359 42.27 -16.70 5.68
CA PHE B 359 43.41 -17.58 5.47
C PHE B 359 44.60 -16.80 4.93
N LYS B 360 44.36 -15.91 3.96
CA LYS B 360 45.47 -15.11 3.46
C LYS B 360 45.98 -14.15 4.52
N ALA B 361 45.11 -13.68 5.42
CA ALA B 361 45.57 -12.88 6.54
C ALA B 361 46.50 -13.70 7.44
N ALA B 362 46.17 -14.97 7.68
CA ALA B 362 47.04 -15.82 8.49
C ALA B 362 48.38 -16.03 7.82
N GLU B 363 48.40 -16.30 6.51
CA GLU B 363 49.68 -16.48 5.84
C GLU B 363 50.48 -15.18 5.79
N PHE B 364 49.78 -14.03 5.71
CA PHE B 364 50.47 -12.75 5.82
C PHE B 364 51.07 -12.57 7.21
N ALA B 365 50.39 -13.06 8.25
CA ALA B 365 50.97 -13.02 9.58
C ALA B 365 52.23 -13.88 9.65
N LYS B 366 52.21 -15.04 9.00
CA LYS B 366 53.43 -15.85 8.92
C LYS B 366 54.55 -15.10 8.20
N LEU B 367 54.22 -14.43 7.10
CA LEU B 367 55.22 -13.62 6.41
C LEU B 367 55.73 -12.50 7.30
N SER B 368 54.87 -11.95 8.16
CA SER B 368 55.33 -10.93 9.12
C SER B 368 56.28 -11.53 10.15
N ILE B 369 56.02 -12.78 10.56
CA ILE B 369 56.97 -13.48 11.42
C ILE B 369 58.33 -13.54 10.73
N LYS B 370 58.34 -13.94 9.46
CA LYS B 370 59.59 -14.05 8.72
C LYS B 370 60.27 -12.69 8.60
N TRP B 371 59.49 -11.63 8.38
CA TRP B 371 60.05 -10.29 8.27
C TRP B 371 60.67 -9.85 9.58
N MET B 372 60.01 -10.12 10.71
CA MET B 372 60.59 -9.78 12.00
C MET B 372 61.88 -10.56 12.24
N ILE B 373 61.90 -11.83 11.85
CA ILE B 373 63.11 -12.63 12.02
C ILE B 373 64.24 -12.04 11.19
N LYS B 374 63.94 -11.63 9.96
CA LYS B 374 64.97 -11.01 9.12
C LYS B 374 65.47 -9.71 9.74
N ILE B 375 64.56 -8.89 10.26
CA ILE B 375 64.98 -7.63 10.89
C ILE B 375 65.89 -7.91 12.07
N ARG B 376 65.52 -8.88 12.91
CA ARG B 376 66.36 -9.22 14.05
C ARG B 376 67.72 -9.73 13.60
N LYS B 377 67.74 -10.52 12.53
CA LYS B 377 69.01 -11.00 12.00
C LYS B 377 69.89 -9.85 11.53
N ARG B 378 69.30 -8.85 10.89
CA ARG B 378 70.07 -7.71 10.41
C ARG B 378 70.76 -7.00 11.56
N TYR B 379 70.05 -6.80 12.68
CA TYR B 379 70.64 -6.15 13.84
C TYR B 379 71.84 -6.94 14.35
N CYS C 102 45.83 -49.48 -12.39
CA CYS C 102 44.97 -50.09 -11.39
C CYS C 102 44.60 -49.08 -10.32
N LEU C 103 45.11 -49.26 -9.09
CA LEU C 103 44.78 -48.35 -8.01
C LEU C 103 45.28 -46.94 -8.31
N LYS C 104 46.50 -46.82 -8.87
CA LYS C 104 47.01 -45.50 -9.23
C LYS C 104 46.12 -44.84 -10.28
N ASN C 105 45.74 -45.58 -11.31
CA ASN C 105 44.87 -45.02 -12.34
C ASN C 105 43.49 -44.67 -11.76
N VAL C 106 42.97 -45.52 -10.87
CA VAL C 106 41.68 -45.25 -10.26
C VAL C 106 41.74 -43.94 -9.46
N PHE C 107 42.80 -43.76 -8.68
CA PHE C 107 42.93 -42.53 -7.92
C PHE C 107 43.09 -41.32 -8.83
N SER C 108 43.87 -41.46 -9.91
CA SER C 108 44.08 -40.34 -10.83
C SER C 108 42.78 -39.94 -11.49
N VAL C 109 42.00 -40.91 -11.97
CA VAL C 109 40.73 -40.59 -12.63
C VAL C 109 39.73 -40.05 -11.62
N LEU C 110 39.75 -40.56 -10.39
CA LEU C 110 38.85 -40.03 -9.38
C LEU C 110 39.18 -38.57 -9.05
N LEU C 111 40.47 -38.22 -9.04
CA LEU C 111 40.83 -36.85 -8.71
C LEU C 111 40.63 -35.90 -9.89
N ILE C 112 40.84 -36.35 -11.12
CA ILE C 112 40.43 -35.49 -12.23
C ILE C 112 38.92 -35.34 -12.23
N PHE C 113 38.21 -36.37 -11.76
CA PHE C 113 36.77 -36.27 -11.60
C PHE C 113 36.40 -35.23 -10.55
N ILE C 114 37.12 -35.19 -9.43
CA ILE C 114 36.78 -34.20 -8.41
C ILE C 114 37.15 -32.79 -8.87
N TYR C 115 38.21 -32.65 -9.66
CA TYR C 115 38.49 -31.35 -10.27
C TYR C 115 37.36 -30.93 -11.20
N LEU C 116 36.88 -31.87 -12.03
CA LEU C 116 35.73 -31.58 -12.87
C LEU C 116 34.50 -31.28 -12.03
N LEU C 117 34.40 -31.88 -10.84
CA LEU C 117 33.29 -31.58 -9.94
C LEU C 117 33.38 -30.15 -9.43
N LEU C 118 34.59 -29.69 -9.10
CA LEU C 118 34.77 -28.29 -8.73
C LEU C 118 34.39 -27.37 -9.88
N MET C 119 34.81 -27.72 -11.10
CA MET C 119 34.44 -26.91 -12.25
C MET C 119 32.93 -26.89 -12.46
N ALA C 120 32.28 -28.04 -12.27
CA ALA C 120 30.83 -28.11 -12.43
C ALA C 120 30.13 -27.31 -11.34
N VAL C 121 30.66 -27.33 -10.12
CA VAL C 121 30.10 -26.50 -9.06
C VAL C 121 30.23 -25.02 -9.41
N ALA C 122 31.38 -24.64 -9.96
CA ALA C 122 31.56 -23.25 -10.42
C ALA C 122 30.54 -22.90 -11.50
N VAL C 123 30.34 -23.81 -12.46
CA VAL C 123 29.39 -23.53 -13.54
C VAL C 123 27.97 -23.43 -13.00
N PHE C 124 27.60 -24.31 -12.07
CA PHE C 124 26.28 -24.24 -11.48
C PHE C 124 26.09 -22.95 -10.70
N LEU C 125 27.12 -22.53 -9.97
CA LEU C 125 27.04 -21.26 -9.26
C LEU C 125 26.88 -20.10 -10.22
N VAL C 126 27.60 -20.13 -11.34
CA VAL C 126 27.47 -19.06 -12.34
C VAL C 126 26.07 -19.05 -12.93
N TYR C 127 25.53 -20.23 -13.25
CA TYR C 127 24.17 -20.29 -13.81
C TYR C 127 23.14 -19.77 -12.81
N ARG C 128 23.29 -20.18 -11.54
CA ARG C 128 22.36 -19.70 -10.52
C ARG C 128 22.50 -18.19 -10.36
N THR C 129 23.72 -17.67 -10.44
CA THR C 129 23.92 -16.23 -10.37
C THR C 129 23.24 -15.52 -11.53
N ILE C 130 23.35 -16.07 -12.74
CA ILE C 130 22.65 -15.48 -13.88
C ILE C 130 21.15 -15.45 -13.64
N THR C 131 20.59 -16.58 -13.21
CA THR C 131 19.15 -16.64 -13.00
C THR C 131 18.70 -15.68 -11.92
N ASP C 132 19.45 -15.62 -10.81
CA ASP C 132 19.09 -14.73 -9.71
C ASP C 132 19.19 -13.27 -10.13
N PHE C 133 20.23 -12.93 -10.89
CA PHE C 133 20.38 -11.55 -11.36
C PHE C 133 19.23 -11.17 -12.28
N ARG C 134 18.86 -12.07 -13.19
CA ARG C 134 17.73 -11.80 -14.08
C ARG C 134 16.44 -11.62 -13.30
N GLU C 135 16.18 -12.51 -12.34
CA GLU C 135 14.96 -12.41 -11.55
C GLU C 135 14.93 -11.11 -10.74
N LYS C 136 16.07 -10.74 -10.15
CA LYS C 136 16.13 -9.50 -9.38
C LYS C 136 15.91 -8.29 -10.26
N LEU C 137 16.48 -8.30 -11.48
CA LEU C 137 16.24 -7.21 -12.41
C LEU C 137 14.76 -7.12 -12.76
N LYS C 138 14.11 -8.26 -12.96
CA LYS C 138 12.69 -8.25 -13.28
C LYS C 138 11.85 -7.67 -12.16
N HIS C 139 12.27 -7.85 -10.90
CA HIS C 139 11.45 -7.53 -9.74
C HIS C 139 12.24 -6.64 -8.77
N PRO C 140 12.37 -5.34 -9.08
CA PRO C 140 12.91 -4.42 -8.08
C PRO C 140 11.96 -4.29 -6.90
N VAL C 141 12.55 -4.05 -5.73
CA VAL C 141 11.80 -4.04 -4.47
C VAL C 141 11.49 -2.60 -4.10
N MET C 142 10.26 -2.34 -3.67
CA MET C 142 9.81 -0.99 -3.35
C MET C 142 10.06 -0.54 -1.91
N SER C 143 10.47 0.71 -1.76
CA SER C 143 10.73 1.31 -0.46
C SER C 143 9.87 2.57 -0.31
N VAL C 144 9.33 2.76 0.89
CA VAL C 144 8.44 3.87 1.21
C VAL C 144 9.04 4.63 2.39
N SER C 145 9.14 5.96 2.25
CA SER C 145 9.61 6.83 3.30
C SER C 145 8.66 8.02 3.42
N TYR C 146 8.30 8.39 4.65
CA TYR C 146 7.38 9.48 4.90
C TYR C 146 8.17 10.72 5.30
N LYS C 147 8.13 11.74 4.43
CA LYS C 147 8.86 12.98 4.65
C LYS C 147 7.89 14.04 5.14
N GLU C 148 8.15 14.59 6.33
CA GLU C 148 7.26 15.59 6.91
C GLU C 148 7.57 16.96 6.35
N VAL C 149 6.50 17.72 6.06
CA VAL C 149 6.61 19.06 5.51
C VAL C 149 5.83 20.01 6.41
N ASP C 150 6.47 21.11 6.81
CA ASP C 150 5.80 22.05 7.71
C ASP C 150 4.55 22.64 7.08
N ARG C 151 4.64 23.02 5.81
CA ARG C 151 3.49 23.53 5.07
C ARG C 151 3.56 23.04 3.64
N TYR C 152 2.42 22.62 3.10
CA TYR C 152 2.37 22.12 1.74
C TYR C 152 2.36 23.27 0.74
N ASP C 153 2.83 22.97 -0.46
CA ASP C 153 2.67 23.91 -1.57
C ASP C 153 1.20 23.98 -1.96
N ALA C 154 0.68 25.20 -2.08
CA ALA C 154 -0.74 25.40 -2.33
C ALA C 154 -1.20 24.56 -3.51
N PRO C 155 -1.98 23.51 -3.29
CA PRO C 155 -2.44 22.69 -4.42
C PRO C 155 -3.46 23.42 -5.26
N GLY C 156 -3.56 22.98 -6.51
CA GLY C 156 -4.56 23.51 -7.42
C GLY C 156 -5.73 22.55 -7.51
N ILE C 157 -6.91 23.04 -7.21
CA ILE C 157 -8.15 22.26 -7.27
C ILE C 157 -8.91 22.77 -8.49
N ALA C 158 -8.86 22.01 -9.57
CA ALA C 158 -9.60 22.35 -10.78
C ALA C 158 -10.99 21.74 -10.65
N LEU C 159 -11.98 22.61 -10.45
CA LEU C 159 -13.36 22.19 -10.36
C LEU C 159 -14.05 22.39 -11.70
N TYR C 160 -15.10 21.62 -11.93
CA TYR C 160 -15.89 21.71 -13.17
C TYR C 160 -17.36 21.89 -12.81
N PRO C 161 -17.73 23.07 -12.33
CA PRO C 161 -19.12 23.29 -11.91
C PRO C 161 -20.13 23.08 -13.02
N GLY C 162 -19.77 23.40 -14.26
CA GLY C 162 -20.75 23.41 -15.33
C GLY C 162 -21.69 24.60 -15.15
N GLN C 163 -22.95 24.32 -14.85
CA GLN C 163 -23.91 25.38 -14.56
C GLN C 163 -23.98 25.74 -13.08
N ALA C 164 -23.30 24.99 -12.22
CA ALA C 164 -23.31 25.29 -10.80
C ALA C 164 -22.64 26.63 -10.54
N GLN C 165 -23.25 27.45 -9.70
CA GLN C 165 -22.74 28.76 -9.37
C GLN C 165 -22.02 28.68 -8.02
N LEU C 166 -20.76 29.06 -8.01
CA LEU C 166 -19.96 29.05 -6.78
C LEU C 166 -20.50 30.13 -5.86
N LEU C 167 -21.27 29.71 -4.85
CA LEU C 167 -21.80 30.68 -3.90
C LEU C 167 -20.70 31.32 -3.07
N SER C 168 -19.73 30.52 -2.64
CA SER C 168 -18.69 31.09 -1.78
C SER C 168 -17.49 30.15 -1.69
N CYS C 169 -16.33 30.66 -1.35
CA CYS C 169 -15.10 29.91 -1.12
C CYS C 169 -14.47 30.59 0.11
N LYS C 170 -13.93 29.87 1.08
CA LYS C 170 -13.31 30.41 2.28
C LYS C 170 -12.12 29.54 2.68
N HIS C 171 -11.13 30.16 3.30
CA HIS C 171 -10.03 29.46 3.95
C HIS C 171 -10.25 29.53 5.44
N HIS C 172 -10.42 28.36 6.06
CA HIS C 172 -10.68 28.25 7.50
C HIS C 172 -9.51 27.55 8.16
N TYR C 173 -8.85 28.25 9.09
CA TYR C 173 -7.75 27.66 9.84
C TYR C 173 -8.25 26.74 10.95
N GLU C 174 -9.50 26.91 11.38
CA GLU C 174 -10.03 26.07 12.45
C GLU C 174 -10.24 24.65 11.93
N VAL C 175 -10.42 23.72 12.87
CA VAL C 175 -10.67 22.34 12.51
C VAL C 175 -12.01 22.17 11.81
N ILE C 176 -12.91 23.14 11.97
CA ILE C 176 -14.23 23.06 11.32
C ILE C 176 -14.59 24.42 10.74
N PRO C 177 -15.37 24.42 9.65
CA PRO C 177 -15.93 25.68 9.17
C PRO C 177 -16.98 26.19 10.13
N PRO C 178 -17.20 27.50 10.17
CA PRO C 178 -18.25 28.07 11.01
C PRO C 178 -19.62 27.89 10.35
N LEU C 179 -20.63 28.43 11.02
CA LEU C 179 -21.99 28.35 10.49
C LEU C 179 -22.10 29.16 9.21
N THR C 180 -22.97 28.70 8.32
CA THR C 180 -23.13 29.27 6.98
C THR C 180 -24.54 29.80 6.80
N SER C 181 -24.78 30.37 5.61
CA SER C 181 -26.09 30.87 5.20
C SER C 181 -26.39 30.25 3.84
N PRO C 182 -26.81 28.99 3.81
CA PRO C 182 -26.83 28.25 2.53
C PRO C 182 -27.89 28.78 1.58
N GLY C 183 -27.63 28.56 0.29
CA GLY C 183 -28.57 28.91 -0.76
C GLY C 183 -28.42 30.32 -1.30
N GLN C 184 -27.55 31.14 -0.73
CA GLN C 184 -27.39 32.51 -1.17
C GLN C 184 -25.90 32.82 -1.36
N PRO C 185 -25.57 33.77 -2.24
CA PRO C 185 -24.17 34.13 -2.42
C PRO C 185 -23.55 34.64 -1.12
N GLY C 186 -22.28 34.29 -0.92
CA GLY C 186 -21.56 34.70 0.27
C GLY C 186 -20.21 35.29 -0.04
N ASP C 187 -19.48 35.71 0.99
CA ASP C 187 -18.16 36.30 0.78
C ASP C 187 -17.22 35.26 0.18
N MET C 188 -16.39 35.70 -0.75
CA MET C 188 -15.42 34.85 -1.43
C MET C 188 -14.03 35.29 -0.99
N ASN C 189 -13.21 34.37 -0.51
CA ASN C 189 -11.90 34.73 0.02
C ASN C 189 -10.96 33.66 -0.41
N CYS C 190 -10.98 33.21 -1.66
CA CYS C 190 -9.96 32.28 -2.18
C CYS C 190 -9.44 32.84 -3.50
N THR C 191 -8.40 32.27 -4.08
CA THR C 191 -7.79 32.73 -5.35
C THR C 191 -8.28 31.83 -6.46
N THR C 192 -9.09 32.32 -7.40
CA THR C 192 -9.66 31.45 -8.42
C THR C 192 -9.25 31.93 -9.81
N GLN C 193 -9.10 30.99 -10.73
CA GLN C 193 -8.73 31.26 -12.11
C GLN C 193 -9.57 30.39 -13.03
N ARG C 194 -10.30 31.00 -13.95
CA ARG C 194 -11.18 30.28 -14.85
C ARG C 194 -10.49 30.08 -16.19
N ILE C 195 -10.42 28.83 -16.64
CA ILE C 195 -9.70 28.48 -17.87
C ILE C 195 -10.55 27.51 -18.68
N ASN C 196 -10.70 27.70 -19.97
CA ASN C 196 -11.45 26.75 -20.84
C ASN C 196 -10.44 26.06 -21.75
N TYR C 197 -10.05 24.84 -21.47
CA TYR C 197 -9.14 24.04 -22.27
C TYR C 197 -9.92 22.95 -22.99
N THR C 198 -9.34 22.18 -23.90
CA THR C 198 -10.02 21.06 -24.60
C THR C 198 -9.36 19.80 -24.13
N ASP C 199 -10.06 18.90 -23.49
CA ASP C 199 -9.46 17.70 -22.93
C ASP C 199 -8.94 16.83 -24.07
N PRO C 200 -7.69 16.34 -23.99
CA PRO C 200 -7.14 15.58 -25.12
C PRO C 200 -7.92 14.32 -25.45
N PHE C 201 -8.66 13.76 -24.50
CA PHE C 201 -9.39 12.53 -24.73
C PHE C 201 -10.71 12.74 -25.46
N SER C 202 -11.22 13.97 -25.53
CA SER C 202 -12.41 14.26 -26.38
C SER C 202 -11.90 15.02 -27.60
N ASN C 203 -11.03 16.00 -27.40
CA ASN C 203 -10.40 16.78 -28.49
C ASN C 203 -11.46 17.63 -29.20
N GLN C 204 -12.73 17.45 -28.89
CA GLN C 204 -13.84 18.16 -29.58
C GLN C 204 -14.59 18.97 -28.54
N THR C 205 -14.94 18.33 -27.44
CA THR C 205 -15.59 19.01 -26.32
C THR C 205 -14.59 19.85 -25.55
N VAL C 206 -14.98 21.09 -25.25
CA VAL C 206 -14.16 22.02 -24.49
C VAL C 206 -14.78 22.19 -23.11
N LYS C 207 -13.96 22.00 -22.07
CA LYS C 207 -14.42 22.06 -20.69
C LYS C 207 -13.86 23.30 -20.01
N SER C 208 -14.70 23.95 -19.21
CA SER C 208 -14.30 25.11 -18.42
C SER C 208 -14.01 24.67 -17.00
N ALA C 209 -12.85 25.08 -16.48
CA ALA C 209 -12.40 24.70 -15.16
C ALA C 209 -12.19 25.95 -14.31
N LEU C 210 -12.48 25.81 -13.03
CA LEU C 210 -12.26 26.84 -12.03
C LEU C 210 -11.15 26.32 -11.12
N ILE C 211 -9.95 26.86 -11.27
CA ILE C 211 -8.80 26.44 -10.48
C ILE C 211 -8.80 27.27 -9.21
N VAL C 212 -8.83 26.60 -8.06
CA VAL C 212 -8.83 27.24 -6.76
C VAL C 212 -7.52 26.89 -6.06
N GLN C 213 -6.94 27.88 -5.37
CA GLN C 213 -5.75 27.65 -4.58
C GLN C 213 -6.12 26.92 -3.30
N GLY C 214 -5.57 25.72 -3.12
CA GLY C 214 -5.92 24.91 -1.98
C GLY C 214 -5.19 25.34 -0.73
N PRO C 215 -5.49 24.63 0.36
CA PRO C 215 -4.85 24.96 1.64
C PRO C 215 -3.36 24.66 1.62
N ARG C 216 -2.60 25.47 2.37
CA ARG C 216 -1.16 25.32 2.49
C ARG C 216 -0.74 24.75 3.82
N GLU C 217 -1.15 25.37 4.92
CA GLU C 217 -0.63 25.05 6.25
C GLU C 217 -1.44 23.90 6.83
N VAL C 218 -0.95 22.68 6.62
CA VAL C 218 -1.58 21.51 7.22
C VAL C 218 -1.43 21.54 8.74
N LYS C 219 -0.29 22.03 9.23
CA LYS C 219 -0.04 22.02 10.66
C LYS C 219 -1.09 22.82 11.43
N LYS C 220 -1.64 23.86 10.81
CA LYS C 220 -2.72 24.62 11.41
C LYS C 220 -4.09 24.02 11.09
N ARG C 221 -4.13 22.88 10.43
CA ARG C 221 -5.39 22.25 10.00
C ARG C 221 -6.20 23.21 9.13
N GLU C 222 -5.50 23.95 8.26
CA GLU C 222 -6.17 24.83 7.32
C GLU C 222 -6.94 24.02 6.30
N LEU C 223 -8.12 24.53 5.91
CA LEU C 223 -8.95 23.87 4.93
C LEU C 223 -9.61 24.93 4.05
N VAL C 224 -10.06 24.50 2.89
CA VAL C 224 -10.78 25.36 1.95
C VAL C 224 -12.20 24.82 1.83
N PHE C 225 -13.18 25.67 2.15
CA PHE C 225 -14.59 25.30 2.13
C PHE C 225 -15.24 26.02 0.97
N LEU C 226 -15.86 25.26 0.07
CA LEU C 226 -16.50 25.78 -1.12
C LEU C 226 -17.98 25.42 -1.11
N GLN C 227 -18.81 26.38 -1.53
CA GLN C 227 -20.25 26.19 -1.65
C GLN C 227 -20.68 26.61 -3.04
N PHE C 228 -21.34 25.70 -3.76
CA PHE C 228 -21.90 25.94 -5.07
C PHE C 228 -23.41 25.77 -5.02
N ARG C 229 -24.11 26.43 -5.93
CA ARG C 229 -25.55 26.30 -6.08
C ARG C 229 -25.88 26.03 -7.54
N LEU C 230 -26.64 24.97 -7.79
CA LEU C 230 -27.11 24.62 -9.13
C LEU C 230 -28.62 24.77 -9.16
N ASN C 231 -29.11 25.57 -10.12
CA ASN C 231 -30.53 25.79 -10.25
C ASN C 231 -31.24 24.48 -10.63
N LYS C 232 -32.56 24.54 -10.72
CA LYS C 232 -33.33 23.34 -11.01
C LYS C 232 -32.85 22.71 -12.32
N SER C 233 -32.62 21.40 -12.28
CA SER C 233 -32.11 20.67 -13.43
C SER C 233 -32.92 19.39 -13.58
N SER C 234 -32.52 18.55 -14.55
CA SER C 234 -33.21 17.31 -14.84
C SER C 234 -32.21 16.20 -15.09
N GLU C 235 -31.18 16.10 -14.25
CA GLU C 235 -30.15 15.08 -14.39
C GLU C 235 -30.35 13.88 -13.48
N ASP C 236 -30.99 14.08 -12.32
CA ASP C 236 -31.26 13.02 -11.36
C ASP C 236 -30.01 12.58 -10.61
N PHE C 237 -28.84 13.04 -11.04
CA PHE C 237 -27.58 12.75 -10.35
C PHE C 237 -26.68 13.96 -10.55
N SER C 238 -26.72 14.88 -9.59
CA SER C 238 -25.97 16.12 -9.68
C SER C 238 -24.66 15.97 -8.92
N ALA C 239 -23.56 16.14 -9.63
CA ALA C 239 -22.24 16.06 -9.03
C ALA C 239 -21.30 16.97 -9.80
N ILE C 240 -20.22 17.37 -9.15
CA ILE C 240 -19.22 18.27 -9.73
C ILE C 240 -17.88 17.55 -9.70
N ASP C 241 -17.20 17.54 -10.86
CA ASP C 241 -15.88 16.96 -11.00
C ASP C 241 -14.82 17.87 -10.41
N TYR C 242 -13.81 17.26 -9.79
CA TYR C 242 -12.66 18.01 -9.29
C TYR C 242 -11.39 17.20 -9.51
N LEU C 243 -10.32 17.92 -9.82
CA LEU C 243 -9.02 17.34 -10.11
C LEU C 243 -7.96 18.09 -9.32
N LEU C 244 -7.10 17.37 -8.61
CA LEU C 244 -6.08 17.97 -7.76
C LEU C 244 -4.73 17.87 -8.45
N PHE C 245 -4.00 18.99 -8.52
CA PHE C 245 -2.63 18.97 -9.00
C PHE C 245 -1.73 19.71 -8.02
N SER C 246 -0.42 19.45 -8.14
CA SER C 246 0.51 19.70 -7.06
C SER C 246 0.53 21.16 -6.64
N SER C 247 0.70 22.08 -7.59
CA SER C 247 0.92 23.48 -7.26
C SER C 247 0.00 24.36 -8.09
N PHE C 248 -0.69 25.28 -7.43
CA PHE C 248 -1.48 26.29 -8.12
C PHE C 248 -0.59 27.39 -8.71
N GLN C 249 0.50 27.73 -8.02
CA GLN C 249 1.40 28.74 -8.55
C GLN C 249 2.07 28.26 -9.84
N GLU C 250 2.48 26.99 -9.88
CA GLU C 250 3.01 26.45 -11.12
C GLU C 250 2.03 26.65 -12.27
N PHE C 251 0.73 26.47 -12.00
CA PHE C 251 -0.28 26.71 -13.03
C PHE C 251 -0.32 28.19 -13.39
N LEU C 252 -0.26 29.08 -12.39
CA LEU C 252 -0.35 30.51 -12.68
C LEU C 252 0.80 30.97 -13.57
N GLN C 253 2.03 30.59 -13.25
CA GLN C 253 3.22 31.10 -13.92
C GLN C 253 3.73 30.10 -14.95
N SER C 254 2.82 29.39 -15.61
CA SER C 254 3.17 28.45 -16.67
C SER C 254 2.55 28.91 -17.97
N PRO C 255 3.33 29.22 -19.02
CA PRO C 255 2.72 29.53 -20.31
C PRO C 255 1.76 28.44 -20.77
N ASN C 256 0.97 28.73 -21.80
CA ASN C 256 -0.03 27.83 -22.35
C ASN C 256 -0.72 27.02 -21.25
N ARG C 257 -1.34 27.76 -20.32
CA ARG C 257 -2.09 27.13 -19.24
C ARG C 257 -2.98 26.01 -19.76
N VAL C 258 -3.46 26.13 -21.00
CA VAL C 258 -4.23 25.05 -21.61
C VAL C 258 -3.40 23.77 -21.65
N GLY C 259 -2.12 23.89 -22.03
CA GLY C 259 -1.25 22.73 -22.03
C GLY C 259 -1.07 22.15 -20.64
N PHE C 260 -0.92 23.01 -19.64
CA PHE C 260 -0.77 22.55 -18.26
C PHE C 260 -1.99 21.76 -17.82
N MET C 261 -3.19 22.29 -18.11
CA MET C 261 -4.41 21.59 -17.73
C MET C 261 -4.58 20.28 -18.50
N GLN C 262 -4.22 20.27 -19.77
CA GLN C 262 -4.33 19.04 -20.55
C GLN C 262 -3.36 17.99 -20.03
N ALA C 263 -2.31 18.40 -19.38
CA ALA C 263 -1.37 17.46 -18.78
C ALA C 263 -1.94 16.88 -17.52
N CYS C 264 -2.75 17.64 -16.78
CA CYS C 264 -3.36 17.25 -15.50
C CYS C 264 -4.53 16.33 -15.75
N GLU C 265 -5.29 16.53 -16.79
CA GLU C 265 -6.41 15.65 -17.12
C GLU C 265 -5.85 14.27 -17.36
N SER C 266 -4.54 14.11 -17.40
CA SER C 266 -3.89 12.79 -17.65
C SER C 266 -3.03 12.35 -16.46
N ALA C 267 -2.11 13.21 -15.99
CA ALA C 267 -1.22 12.86 -14.89
C ALA C 267 -1.91 12.83 -13.54
N TYR C 268 -3.18 13.21 -13.46
CA TYR C 268 -3.91 13.28 -12.20
C TYR C 268 -5.29 12.65 -12.37
N SER C 269 -5.79 12.08 -11.28
CA SER C 269 -7.13 11.52 -11.25
C SER C 269 -8.16 12.63 -11.00
N SER C 270 -9.39 12.37 -11.44
CA SER C 270 -10.50 13.31 -11.29
C SER C 270 -11.64 12.60 -10.59
N TRP C 271 -12.07 13.15 -9.46
CA TRP C 271 -13.14 12.58 -8.66
C TRP C 271 -14.38 13.47 -8.76
N LYS C 272 -15.41 13.11 -8.00
CA LYS C 272 -16.67 13.84 -7.99
C LYS C 272 -17.09 14.11 -6.55
N PHE C 273 -17.81 15.21 -6.36
CA PHE C 273 -18.52 15.45 -5.11
C PHE C 273 -19.97 15.82 -5.42
N SER C 274 -20.88 15.28 -4.62
CA SER C 274 -22.31 15.31 -4.91
C SER C 274 -22.99 16.47 -4.19
N GLY C 275 -24.18 16.81 -4.68
CA GLY C 275 -25.01 17.78 -4.00
C GLY C 275 -25.78 17.15 -2.86
N GLY C 276 -26.17 17.99 -1.91
CA GLY C 276 -26.84 17.51 -0.71
C GLY C 276 -25.91 16.94 0.34
N PHE C 277 -24.60 16.94 0.09
CA PHE C 277 -23.60 16.49 1.04
C PHE C 277 -22.69 17.65 1.41
N ARG C 278 -21.77 17.38 2.33
CA ARG C 278 -20.58 18.20 2.55
C ARG C 278 -19.41 17.25 2.38
N THR C 279 -18.95 17.11 1.15
CA THR C 279 -17.86 16.21 0.84
C THR C 279 -16.57 16.74 1.46
N TRP C 280 -16.10 16.08 2.51
CA TRP C 280 -14.85 16.43 3.17
C TRP C 280 -13.75 15.57 2.54
N VAL C 281 -12.83 16.22 1.85
CA VAL C 281 -11.76 15.54 1.12
C VAL C 281 -10.46 15.77 1.87
N LYS C 282 -9.91 14.70 2.44
CA LYS C 282 -8.60 14.75 3.08
C LYS C 282 -7.59 14.18 2.11
N MET C 283 -6.68 15.04 1.63
CA MET C 283 -5.81 14.71 0.53
C MET C 283 -4.35 14.61 0.99
N SER C 284 -3.63 13.72 0.33
CA SER C 284 -2.22 13.45 0.61
C SER C 284 -1.40 13.29 -0.66
N LEU C 285 -0.10 13.53 -0.54
CA LEU C 285 0.81 13.52 -1.67
C LEU C 285 1.65 12.25 -1.66
N VAL C 286 1.67 11.54 -2.79
CA VAL C 286 2.53 10.38 -2.98
C VAL C 286 3.44 10.69 -4.16
N LYS C 287 4.74 10.74 -3.91
CA LYS C 287 5.73 11.02 -4.94
C LYS C 287 6.46 9.72 -5.25
N THR C 288 6.31 9.25 -6.48
CA THR C 288 6.94 8.02 -6.94
C THR C 288 8.16 8.37 -7.79
N LYS C 289 9.30 7.82 -7.43
CA LYS C 289 10.55 8.05 -8.15
C LYS C 289 10.85 6.83 -9.01
N GLU C 290 10.96 7.06 -10.32
CA GLU C 290 11.26 6.01 -11.28
C GLU C 290 12.73 6.07 -11.69
N GLU C 291 13.18 5.02 -12.38
CA GLU C 291 14.58 4.94 -12.79
C GLU C 291 14.93 6.07 -13.74
N ASP C 292 14.04 6.38 -14.68
CA ASP C 292 14.33 7.37 -15.72
C ASP C 292 14.00 8.78 -15.22
N GLY C 293 14.78 9.21 -14.24
CA GLY C 293 14.76 10.60 -13.82
C GLY C 293 13.55 11.06 -13.04
N ARG C 294 12.68 11.83 -13.72
CA ARG C 294 11.64 12.62 -13.07
C ARG C 294 10.88 11.85 -11.99
N GLU C 295 10.41 12.59 -10.98
CA GLU C 295 9.59 12.04 -9.91
C GLU C 295 8.15 12.50 -10.10
N ALA C 296 7.22 11.56 -10.12
CA ALA C 296 5.82 11.84 -10.43
C ALA C 296 5.02 11.99 -9.14
N VAL C 297 4.29 13.09 -9.03
CA VAL C 297 3.50 13.40 -7.85
C VAL C 297 2.04 13.06 -8.13
N GLU C 298 1.40 12.37 -7.19
CA GLU C 298 0.00 11.97 -7.31
C GLU C 298 -0.72 12.32 -6.01
N PHE C 299 -2.03 12.51 -6.14
CA PHE C 299 -2.88 12.91 -5.03
C PHE C 299 -3.75 11.73 -4.62
N ARG C 300 -3.51 11.20 -3.42
CA ARG C 300 -4.49 10.33 -2.80
C ARG C 300 -5.48 11.19 -2.03
N GLN C 301 -6.70 10.67 -1.86
CA GLN C 301 -7.71 11.44 -1.17
C GLN C 301 -8.74 10.50 -0.59
N GLU C 302 -9.10 10.73 0.67
CA GLU C 302 -10.18 10.03 1.33
C GLU C 302 -11.35 10.98 1.51
N THR C 303 -12.53 10.54 1.11
CA THR C 303 -13.72 11.38 1.07
C THR C 303 -14.72 10.93 2.12
N SER C 304 -15.29 11.88 2.84
CA SER C 304 -16.30 11.61 3.86
C SER C 304 -17.50 12.51 3.55
N VAL C 305 -18.64 11.90 3.24
CA VAL C 305 -19.84 12.63 2.89
C VAL C 305 -20.71 12.76 4.13
N VAL C 306 -21.21 13.98 4.36
CA VAL C 306 -22.10 14.27 5.48
C VAL C 306 -23.36 14.91 4.92
N ASN C 307 -24.51 14.34 5.27
CA ASN C 307 -25.78 14.87 4.77
C ASN C 307 -25.93 16.35 5.15
N TYR C 308 -26.44 17.11 4.20
CA TYR C 308 -26.79 18.51 4.43
C TYR C 308 -28.25 18.59 4.84
N ILE C 309 -28.52 19.22 5.97
CA ILE C 309 -29.86 19.34 6.50
C ILE C 309 -30.52 20.53 5.81
N ASP C 310 -31.33 20.26 4.80
CA ASP C 310 -32.00 21.30 4.02
C ASP C 310 -33.29 21.78 4.69
N GLN C 311 -33.43 21.58 6.00
CA GLN C 311 -34.63 22.06 6.68
C GLN C 311 -34.64 23.57 6.84
N ARG C 312 -33.48 24.22 6.75
CA ARG C 312 -33.44 25.67 6.92
C ARG C 312 -34.27 26.40 5.87
N PRO C 313 -34.11 26.13 4.57
CA PRO C 313 -34.99 26.79 3.57
C PRO C 313 -36.45 26.45 3.78
N ALA C 314 -36.77 25.15 3.78
CA ALA C 314 -38.13 24.67 4.01
C ALA C 314 -39.14 25.46 3.17
N ALA C 315 -38.81 25.64 1.90
CA ALA C 315 -39.63 26.44 1.00
C ALA C 315 -39.50 25.86 -0.39
N LYS C 316 -39.93 26.63 -1.40
CA LYS C 316 -39.90 26.21 -2.80
C LYS C 316 -38.55 26.48 -3.45
N LYS C 317 -37.48 26.60 -2.66
CA LYS C 317 -36.15 26.84 -3.22
C LYS C 317 -35.80 25.76 -4.24
N SER C 318 -35.72 24.50 -3.79
CA SER C 318 -35.57 23.35 -4.68
C SER C 318 -34.44 23.55 -5.67
N ALA C 319 -33.25 23.79 -5.15
CA ALA C 319 -32.04 23.97 -5.95
C ALA C 319 -30.90 23.24 -5.28
N GLN C 320 -30.11 22.52 -6.07
CA GLN C 320 -29.06 21.68 -5.50
C GLN C 320 -27.96 22.54 -4.89
N LEU C 321 -27.47 22.12 -3.72
CA LEU C 321 -26.40 22.82 -3.03
C LEU C 321 -25.24 21.85 -2.84
N PHE C 322 -24.05 22.28 -3.24
CA PHE C 322 -22.83 21.48 -3.15
C PHE C 322 -21.92 22.10 -2.12
N PHE C 323 -21.47 21.31 -1.15
CA PHE C 323 -20.54 21.77 -0.14
C PHE C 323 -19.33 20.86 -0.15
N VAL C 324 -18.14 21.45 -0.13
CA VAL C 324 -16.90 20.69 -0.21
C VAL C 324 -15.89 21.29 0.76
N VAL C 325 -15.05 20.43 1.33
CA VAL C 325 -13.93 20.85 2.16
C VAL C 325 -12.69 20.11 1.67
N PHE C 326 -11.67 20.86 1.30
CA PHE C 326 -10.37 20.32 0.92
C PHE C 326 -9.38 20.60 2.03
N GLU C 327 -8.71 19.55 2.51
CA GLU C 327 -7.82 19.65 3.65
C GLU C 327 -6.75 18.57 3.51
N TRP C 328 -5.56 18.86 4.03
CA TRP C 328 -4.47 17.90 4.00
C TRP C 328 -4.63 16.89 5.13
N LYS C 329 -4.52 15.60 4.78
CA LYS C 329 -4.72 14.56 5.78
C LYS C 329 -3.67 14.64 6.88
N ASP C 330 -2.41 14.86 6.51
CA ASP C 330 -1.33 14.92 7.48
C ASP C 330 -0.12 15.55 6.82
N PRO C 331 0.88 15.97 7.59
CA PRO C 331 2.05 16.64 7.01
C PRO C 331 3.04 15.73 6.30
N PHE C 332 2.71 14.46 6.08
CA PHE C 332 3.68 13.49 5.59
C PHE C 332 3.43 13.21 4.11
N ILE C 333 4.46 13.43 3.30
CA ILE C 333 4.45 13.05 1.89
C ILE C 333 5.06 11.67 1.79
N GLN C 334 4.40 10.78 1.04
CA GLN C 334 4.85 9.40 0.91
C GLN C 334 5.75 9.29 -0.31
N LYS C 335 7.06 9.18 -0.10
CA LYS C 335 8.02 8.93 -1.15
C LYS C 335 8.11 7.43 -1.38
N VAL C 336 7.78 6.99 -2.59
CA VAL C 336 7.85 5.59 -2.96
C VAL C 336 8.83 5.45 -4.12
N GLN C 337 9.79 4.53 -3.97
CA GLN C 337 10.74 4.33 -5.06
C GLN C 337 11.15 2.86 -5.12
N ASP C 338 11.26 2.36 -6.35
CA ASP C 338 11.75 1.01 -6.57
C ASP C 338 13.27 0.99 -6.54
N ILE C 339 13.81 -0.12 -6.04
CA ILE C 339 15.25 -0.30 -5.88
C ILE C 339 15.63 -1.56 -6.63
N VAL C 340 16.64 -1.45 -7.48
CA VAL C 340 17.17 -2.60 -8.24
C VAL C 340 18.16 -3.29 -7.32
N THR C 341 17.71 -4.35 -6.66
CA THR C 341 18.53 -5.04 -5.68
C THR C 341 19.78 -5.69 -6.29
N ALA C 342 19.81 -5.87 -7.61
CA ALA C 342 20.91 -6.54 -8.28
C ALA C 342 21.78 -5.51 -8.99
N ASN C 343 23.07 -5.48 -8.66
CA ASN C 343 24.02 -4.64 -9.35
C ASN C 343 25.22 -5.49 -9.79
N PRO C 344 25.80 -5.20 -10.95
CA PRO C 344 26.85 -6.09 -11.47
C PRO C 344 28.07 -6.21 -10.55
N TRP C 345 28.45 -5.15 -9.86
CA TRP C 345 29.72 -5.16 -9.15
C TRP C 345 29.69 -6.13 -7.97
N ASN C 346 28.60 -6.12 -7.19
CA ASN C 346 28.48 -7.06 -6.09
C ASN C 346 28.47 -8.50 -6.58
N THR C 347 27.76 -8.75 -7.69
CA THR C 347 27.72 -10.09 -8.25
C THR C 347 29.10 -10.55 -8.70
N ILE C 348 29.85 -9.67 -9.37
CA ILE C 348 31.20 -10.02 -9.80
C ILE C 348 32.08 -10.30 -8.58
N ALA C 349 32.00 -9.47 -7.55
CA ALA C 349 32.82 -9.70 -6.37
C ALA C 349 32.50 -11.02 -5.70
N LEU C 350 31.20 -11.33 -5.56
CA LEU C 350 30.81 -12.58 -4.94
C LEU C 350 31.26 -13.78 -5.76
N LEU C 351 31.09 -13.73 -7.08
CA LEU C 351 31.52 -14.84 -7.92
C LEU C 351 33.03 -15.00 -7.89
N CYS C 352 33.77 -13.90 -7.86
CA CYS C 352 35.22 -13.97 -7.76
C CYS C 352 35.65 -14.60 -6.45
N GLY C 353 34.99 -14.23 -5.35
CA GLY C 353 35.29 -14.88 -4.09
C GLY C 353 35.02 -16.37 -4.12
N ALA C 354 33.91 -16.77 -4.73
CA ALA C 354 33.60 -18.19 -4.86
C ALA C 354 34.65 -18.91 -5.69
N PHE C 355 35.09 -18.30 -6.79
CA PHE C 355 36.11 -18.93 -7.63
C PHE C 355 37.43 -19.06 -6.89
N LEU C 356 37.80 -18.03 -6.12
CA LEU C 356 39.01 -18.13 -5.30
C LEU C 356 38.90 -19.25 -4.29
N ALA C 357 37.74 -19.39 -3.65
CA ALA C 357 37.54 -20.48 -2.71
C ALA C 357 37.69 -21.84 -3.40
N LEU C 358 37.12 -21.98 -4.59
CA LEU C 358 37.24 -23.25 -5.30
C LEU C 358 38.68 -23.53 -5.71
N PHE C 359 39.42 -22.50 -6.12
CA PHE C 359 40.82 -22.69 -6.45
C PHE C 359 41.62 -23.16 -5.25
N LYS C 360 41.38 -22.54 -4.08
CA LYS C 360 42.08 -22.99 -2.89
C LYS C 360 41.63 -24.40 -2.49
N ALA C 361 40.38 -24.76 -2.77
CA ALA C 361 39.95 -26.13 -2.55
C ALA C 361 40.74 -27.09 -3.43
N ALA C 362 40.97 -26.72 -4.68
CA ALA C 362 41.76 -27.56 -5.58
C ALA C 362 43.19 -27.72 -5.09
N GLU C 363 43.82 -26.62 -4.65
CA GLU C 363 45.18 -26.75 -4.16
C GLU C 363 45.23 -27.54 -2.85
N PHE C 364 44.17 -27.43 -2.03
CA PHE C 364 44.08 -28.29 -0.85
C PHE C 364 43.95 -29.75 -1.23
N ALA C 365 43.24 -30.05 -2.32
CA ALA C 365 43.18 -31.42 -2.82
C ALA C 365 44.56 -31.90 -3.24
N LYS C 366 45.34 -31.02 -3.89
CA LYS C 366 46.72 -31.38 -4.23
C LYS C 366 47.53 -31.66 -2.96
N LEU C 367 47.37 -30.83 -1.94
CA LEU C 367 48.06 -31.08 -0.68
C LEU C 367 47.60 -32.40 -0.06
N SER C 368 46.34 -32.76 -0.23
CA SER C 368 45.86 -34.06 0.23
C SER C 368 46.52 -35.20 -0.53
N ILE C 369 46.73 -35.02 -1.84
CA ILE C 369 47.49 -35.99 -2.60
C ILE C 369 48.87 -36.18 -1.97
N LYS C 370 49.54 -35.07 -1.68
CA LYS C 370 50.87 -35.15 -1.09
C LYS C 370 50.83 -35.83 0.27
N TRP C 371 49.79 -35.55 1.06
CA TRP C 371 49.66 -36.17 2.38
C TRP C 371 49.45 -37.68 2.25
N MET C 372 48.62 -38.11 1.31
CA MET C 372 48.44 -39.54 1.08
C MET C 372 49.74 -40.20 0.64
N ILE C 373 50.50 -39.52 -0.23
CA ILE C 373 51.78 -40.08 -0.66
C ILE C 373 52.71 -40.22 0.53
N LYS C 374 52.75 -39.22 1.40
CA LYS C 374 53.60 -39.31 2.60
C LYS C 374 53.16 -40.46 3.49
N ILE C 375 51.85 -40.63 3.68
CA ILE C 375 51.36 -41.72 4.52
C ILE C 375 51.77 -43.06 3.93
N ARG C 376 51.61 -43.22 2.61
CA ARG C 376 52.01 -44.47 1.97
C ARG C 376 53.50 -44.71 2.11
N LYS C 377 54.30 -43.64 2.00
CA LYS C 377 55.74 -43.77 2.17
C LYS C 377 56.08 -44.24 3.59
N ARG C 378 55.37 -43.72 4.58
CA ARG C 378 55.64 -44.11 5.96
C ARG C 378 55.42 -45.61 6.16
N TYR C 379 54.35 -46.14 5.60
CA TYR C 379 54.08 -47.57 5.70
C TYR C 379 55.21 -48.39 5.09
#